data_6VGI
#
_entry.id   6VGI
#
_cell.length_a   214.418
_cell.length_b   66.297
_cell.length_c   109.430
_cell.angle_alpha   90.000
_cell.angle_beta   101.530
_cell.angle_gamma   90.000
#
_symmetry.space_group_name_H-M   'C 1 2 1'
#
loop_
_entity.id
_entity.type
_entity.pdbx_description
1 polymer '5-lipoxygenase-activating protein'
2 non-polymer '3-[3-(tert-butylsulfanyl)-1-[(4-chlorophenyl)methyl]-5-(propan-2-yl)-1H-indol-2-yl]-2,2-dimethylpropanoic acid'
3 non-polymer 'SULFATE ION'
4 water water
#
_entity_poly.entity_id   1
_entity_poly.type   'polypeptide(L)'
_entity_poly.pdbx_seq_one_letter_code
;MSLDQETVGNVVLLAIVTLISVVQNGFFAHKVEHESRTQNGRSFQRTGTLAFERVYTANQNCVDAYPTFLAVLWSAGLLC
SQVPAAFAGLMYLFVRQKYFVGYLGERTQSTPGYIFGKRIILFLFLMSVAGIFNYYLIFFFGSDFENYIATISTTISPLL
LIPEGHHHHHH
;
_entity_poly.pdbx_strand_id   A,B,C,D,E,F
#
loop_
_chem_comp.id
_chem_comp.type
_chem_comp.name
_chem_comp.formula
QY7 non-polymer '3-[3-(tert-butylsulfanyl)-1-[(4-chlorophenyl)methyl]-5-(propan-2-yl)-1H-indol-2-yl]-2,2-dimethylpropanoic acid' 'C27 H34 Cl N O2 S'
SO4 non-polymer 'SULFATE ION' 'O4 S -2'
#
# COMPACT_ATOMS: atom_id res chain seq x y z
N SER A 2 -3.41 -4.18 13.38
CA SER A 2 -2.14 -4.55 12.68
C SER A 2 -2.01 -3.87 11.31
N LEU A 3 -3.14 -3.65 10.65
CA LEU A 3 -3.19 -2.99 9.34
C LEU A 3 -2.90 -1.50 9.44
N ASP A 4 -2.57 -0.91 8.29
CA ASP A 4 -2.26 0.53 8.19
C ASP A 4 -3.51 1.40 8.36
N GLN A 5 -3.28 2.68 8.68
CA GLN A 5 -4.34 3.65 8.92
C GLN A 5 -5.18 3.95 7.68
N GLU A 6 -4.54 3.90 6.51
CA GLU A 6 -5.17 4.29 5.25
C GLU A 6 -6.24 3.29 4.78
N THR A 7 -5.92 2.00 4.88
CA THR A 7 -6.85 0.94 4.48
C THR A 7 -7.98 0.75 5.47
N VAL A 8 -7.67 0.82 6.77
CA VAL A 8 -8.65 0.70 7.85
C VAL A 8 -9.72 1.79 7.77
N GLY A 9 -9.33 2.97 7.29
CA GLY A 9 -10.28 4.08 7.08
C GLY A 9 -11.24 3.84 5.94
N ASN A 10 -10.91 2.89 5.07
CA ASN A 10 -11.76 2.51 3.94
C ASN A 10 -12.71 1.35 4.26
N VAL A 11 -12.58 0.79 5.46
CA VAL A 11 -13.40 -0.36 5.88
C VAL A 11 -14.08 -0.17 7.23
N VAL A 12 -13.79 0.95 7.90
CA VAL A 12 -14.29 1.19 9.26
C VAL A 12 -15.82 1.29 9.38
N LEU A 13 -16.43 2.06 8.47
CA LEU A 13 -17.89 2.21 8.42
C LEU A 13 -18.57 0.86 8.16
N LEU A 14 -17.98 0.08 7.26
CA LEU A 14 -18.44 -1.28 6.94
C LEU A 14 -18.34 -2.21 8.15
N ALA A 15 -17.22 -2.13 8.86
CA ALA A 15 -16.96 -2.99 10.02
C ALA A 15 -17.91 -2.71 11.19
N ILE A 16 -18.31 -1.45 11.36
CA ILE A 16 -19.25 -1.07 12.41
C ILE A 16 -20.63 -1.70 12.15
N VAL A 17 -21.09 -1.60 10.91
CA VAL A 17 -22.36 -2.22 10.48
C VAL A 17 -22.33 -3.74 10.68
N THR A 18 -21.20 -4.35 10.36
CA THR A 18 -20.99 -5.79 10.53
C THR A 18 -21.06 -6.18 12.01
N LEU A 19 -20.44 -5.37 12.87
CA LEU A 19 -20.45 -5.64 14.31
C LEU A 19 -21.86 -5.51 14.91
N ILE A 20 -22.60 -4.49 14.47
CA ILE A 20 -23.99 -4.31 14.87
C ILE A 20 -24.83 -5.53 14.46
N SER A 21 -24.58 -6.04 13.25
CA SER A 21 -25.24 -7.24 12.75
C SER A 21 -24.88 -8.48 13.58
N VAL A 22 -23.66 -8.50 14.11
CA VAL A 22 -23.22 -9.56 15.01
C VAL A 22 -24.04 -9.57 16.31
N VAL A 23 -24.24 -8.38 16.90
CA VAL A 23 -25.08 -8.22 18.10
C VAL A 23 -26.51 -8.67 17.80
N GLN A 24 -27.03 -8.25 16.66
CA GLN A 24 -28.37 -8.64 16.21
C GLN A 24 -28.48 -10.16 16.01
N ASN A 25 -27.42 -10.78 15.50
CA ASN A 25 -27.35 -12.24 15.40
C ASN A 25 -27.32 -12.92 16.76
N GLY A 26 -26.61 -12.30 17.70
CA GLY A 26 -26.56 -12.75 19.08
C GLY A 26 -27.92 -12.65 19.74
N PHE A 27 -28.66 -11.58 19.41
CA PHE A 27 -30.00 -11.34 19.92
C PHE A 27 -30.98 -12.38 19.39
N PHE A 28 -30.93 -12.63 18.08
CA PHE A 28 -31.78 -13.63 17.44
C PHE A 28 -31.55 -15.02 18.01
N ALA A 29 -30.28 -15.40 18.14
CA ALA A 29 -29.89 -16.70 18.68
C ALA A 29 -30.30 -16.85 20.15
N HIS A 30 -30.26 -15.74 20.90
CA HIS A 30 -30.69 -15.71 22.29
C HIS A 30 -32.20 -15.92 22.40
N LYS A 31 -32.95 -15.25 21.54
CA LYS A 31 -34.41 -15.34 21.51
C LYS A 31 -34.90 -16.76 21.18
N VAL A 32 -34.13 -17.47 20.36
CA VAL A 32 -34.38 -18.87 20.04
C VAL A 32 -34.03 -19.77 21.23
N GLU A 33 -32.90 -19.48 21.86
CA GLU A 33 -32.40 -20.24 23.01
C GLU A 33 -33.38 -20.20 24.19
N HIS A 34 -33.97 -19.02 24.43
CA HIS A 34 -34.93 -18.83 25.51
C HIS A 34 -36.18 -19.68 25.31
N GLU A 35 -36.64 -19.77 24.06
CA GLU A 35 -37.85 -20.51 23.72
C GLU A 35 -37.57 -22.02 23.62
N SER A 36 -36.30 -22.38 23.45
CA SER A 36 -35.90 -23.79 23.34
C SER A 36 -35.89 -24.50 24.68
N ARG A 37 -35.62 -23.76 25.75
CA ARG A 37 -35.58 -24.32 27.11
C ARG A 37 -36.99 -24.57 27.65
N THR A 38 -37.90 -23.64 27.37
CA THR A 38 -39.28 -23.73 27.82
C THR A 38 -40.15 -24.46 26.78
N GLY A 48 -40.73 -27.71 18.78
CA GLY A 48 -41.98 -28.39 19.10
C GLY A 48 -43.12 -27.43 19.36
N THR A 49 -42.88 -26.47 20.26
CA THR A 49 -43.90 -25.49 20.67
C THR A 49 -44.35 -24.60 19.52
N LEU A 50 -45.60 -24.13 19.60
CA LEU A 50 -46.18 -23.26 18.58
C LEU A 50 -45.53 -21.87 18.56
N ALA A 51 -45.02 -21.45 19.71
CA ALA A 51 -44.29 -20.18 19.82
C ALA A 51 -42.82 -20.35 19.44
N PHE A 52 -42.29 -21.55 19.62
CA PHE A 52 -40.90 -21.86 19.29
C PHE A 52 -40.66 -21.93 17.79
N GLU A 53 -41.62 -22.50 17.06
CA GLU A 53 -41.52 -22.64 15.61
C GLU A 53 -41.51 -21.31 14.87
N ARG A 54 -42.17 -20.30 15.45
CA ARG A 54 -42.23 -18.97 14.83
C ARG A 54 -40.92 -18.22 14.98
N VAL A 55 -40.28 -18.37 16.14
CA VAL A 55 -38.99 -17.73 16.41
C VAL A 55 -37.84 -18.44 15.70
N TYR A 56 -37.92 -19.77 15.64
CA TYR A 56 -36.90 -20.59 14.97
C TYR A 56 -36.86 -20.35 13.46
N THR A 57 -38.03 -20.30 12.83
CA THR A 57 -38.15 -20.02 11.40
C THR A 57 -37.64 -18.62 11.06
N ALA A 58 -38.04 -17.65 11.88
CA ALA A 58 -37.60 -16.26 11.71
C ALA A 58 -36.08 -16.15 11.75
N ASN A 59 -35.48 -16.77 12.76
CA ASN A 59 -34.02 -16.82 12.88
C ASN A 59 -33.39 -17.54 11.69
N GLN A 60 -33.99 -18.66 11.28
CA GLN A 60 -33.49 -19.44 10.16
C GLN A 60 -33.60 -18.68 8.84
N ASN A 61 -34.64 -17.87 8.68
CA ASN A 61 -34.80 -16.98 7.52
C ASN A 61 -33.75 -15.88 7.47
N CYS A 62 -33.35 -15.38 8.64
CA CYS A 62 -32.31 -14.36 8.75
C CYS A 62 -30.92 -14.95 8.53
N VAL A 63 -30.67 -16.12 9.12
CA VAL A 63 -29.39 -16.83 8.99
C VAL A 63 -29.12 -17.22 7.54
N ASP A 64 -30.17 -17.64 6.83
CA ASP A 64 -30.03 -18.07 5.44
C ASP A 64 -29.71 -16.93 4.47
N ALA A 65 -30.12 -15.71 4.82
CA ALA A 65 -29.86 -14.54 3.98
C ALA A 65 -28.61 -13.76 4.39
N TYR A 66 -28.14 -14.00 5.62
CA TYR A 66 -27.05 -13.21 6.20
C TYR A 66 -25.71 -13.22 5.43
N PRO A 67 -25.21 -14.42 5.04
CA PRO A 67 -23.94 -14.46 4.30
C PRO A 67 -24.01 -13.80 2.93
N THR A 68 -25.21 -13.77 2.34
CA THR A 68 -25.43 -13.04 1.08
C THR A 68 -25.37 -11.54 1.33
N PHE A 69 -26.03 -11.08 2.38
CA PHE A 69 -26.01 -9.67 2.78
C PHE A 69 -24.59 -9.18 3.07
N LEU A 70 -23.87 -9.94 3.88
CA LEU A 70 -22.49 -9.63 4.25
C LEU A 70 -21.60 -9.52 3.01
N ALA A 71 -21.89 -10.35 2.01
CA ALA A 71 -21.15 -10.34 0.75
C ALA A 71 -21.39 -9.10 -0.11
N VAL A 72 -22.65 -8.71 -0.29
CA VAL A 72 -22.98 -7.51 -1.09
C VAL A 72 -22.64 -6.20 -0.39
N LEU A 73 -22.73 -6.18 0.95
CA LEU A 73 -22.37 -5.01 1.75
C LEU A 73 -20.90 -4.66 1.58
N TRP A 74 -20.04 -5.68 1.64
CA TRP A 74 -18.60 -5.50 1.53
C TRP A 74 -18.12 -5.29 0.09
N SER A 75 -18.81 -5.92 -0.87
CA SER A 75 -18.53 -5.67 -2.29
C SER A 75 -18.85 -4.22 -2.67
N ALA A 76 -20.02 -3.74 -2.25
CA ALA A 76 -20.45 -2.38 -2.55
C ALA A 76 -19.59 -1.34 -1.84
N GLY A 77 -19.11 -1.67 -0.65
CA GLY A 77 -18.32 -0.76 0.16
C GLY A 77 -16.88 -0.59 -0.32
N LEU A 78 -16.31 -1.67 -0.84
CA LEU A 78 -14.91 -1.67 -1.27
C LEU A 78 -14.73 -1.21 -2.72
N LEU A 79 -15.68 -1.60 -3.58
CA LEU A 79 -15.57 -1.34 -5.02
C LEU A 79 -16.24 -0.04 -5.45
N CYS A 80 -17.28 0.38 -4.74
CA CYS A 80 -18.05 1.56 -5.11
C CYS A 80 -17.78 2.75 -4.18
N SER A 81 -18.57 2.86 -3.12
CA SER A 81 -18.40 3.91 -2.11
C SER A 81 -18.84 3.42 -0.73
N GLN A 82 -18.02 3.70 0.28
CA GLN A 82 -18.20 3.16 1.63
C GLN A 82 -19.45 3.69 2.35
N VAL A 83 -19.66 5.01 2.30
CA VAL A 83 -20.77 5.64 3.02
C VAL A 83 -22.16 5.12 2.60
N PRO A 84 -22.47 5.13 1.28
CA PRO A 84 -23.79 4.64 0.86
C PRO A 84 -24.00 3.15 1.15
N ALA A 85 -22.93 2.37 1.03
CA ALA A 85 -22.99 0.94 1.31
C ALA A 85 -23.27 0.65 2.78
N ALA A 86 -22.55 1.34 3.67
CA ALA A 86 -22.73 1.20 5.11
C ALA A 86 -24.09 1.69 5.58
N PHE A 87 -24.57 2.76 4.96
CA PHE A 87 -25.90 3.31 5.26
C PHE A 87 -26.98 2.30 4.88
N ALA A 88 -26.88 1.75 3.67
CA ALA A 88 -27.80 0.72 3.19
C ALA A 88 -27.74 -0.56 4.03
N GLY A 89 -26.54 -0.88 4.52
CA GLY A 89 -26.35 -2.02 5.40
C GLY A 89 -27.06 -1.84 6.73
N LEU A 90 -27.07 -0.60 7.22
CA LEU A 90 -27.74 -0.25 8.47
C LEU A 90 -29.25 -0.33 8.30
N MET A 91 -29.73 0.08 7.13
CA MET A 91 -31.14 -0.03 6.78
C MET A 91 -31.60 -1.49 6.73
N TYR A 92 -30.72 -2.37 6.24
CA TYR A 92 -30.99 -3.80 6.19
C TYR A 92 -31.20 -4.39 7.58
N LEU A 93 -30.39 -3.95 8.54
CA LEU A 93 -30.51 -4.40 9.92
C LEU A 93 -31.75 -3.85 10.61
N PHE A 94 -32.25 -2.72 10.10
CA PHE A 94 -33.50 -2.14 10.59
C PHE A 94 -34.70 -2.93 10.07
N VAL A 95 -34.71 -3.22 8.77
CA VAL A 95 -35.75 -4.03 8.12
C VAL A 95 -35.73 -5.46 8.67
N ARG A 96 -34.53 -5.95 8.97
CA ARG A 96 -34.31 -7.26 9.57
C ARG A 96 -34.93 -7.33 10.97
N GLN A 97 -34.83 -6.24 11.72
CA GLN A 97 -35.35 -6.14 13.08
C GLN A 97 -36.88 -6.19 13.11
N LYS A 98 -37.51 -5.46 12.18
CA LYS A 98 -38.97 -5.40 12.09
C LYS A 98 -39.58 -6.75 11.69
N TYR A 99 -38.86 -7.49 10.83
CA TYR A 99 -39.31 -8.82 10.40
C TYR A 99 -39.35 -9.81 11.55
N PHE A 100 -38.34 -9.75 12.43
CA PHE A 100 -38.24 -10.65 13.57
C PHE A 100 -39.34 -10.41 14.60
N VAL A 101 -39.97 -9.24 14.54
CA VAL A 101 -41.11 -8.91 15.39
C VAL A 101 -42.41 -9.48 14.80
N GLY A 102 -42.56 -9.37 13.49
CA GLY A 102 -43.75 -9.85 12.79
C GLY A 102 -43.77 -11.34 12.51
N TYR A 103 -42.60 -11.98 12.59
CA TYR A 103 -42.42 -13.42 12.34
C TYR A 103 -42.91 -13.89 10.97
N ILE A 115 -38.46 -14.12 2.54
CA ILE A 115 -37.38 -13.20 2.18
C ILE A 115 -37.76 -11.75 2.53
N PHE A 116 -36.82 -11.05 3.15
CA PHE A 116 -36.96 -9.63 3.45
C PHE A 116 -35.78 -8.85 2.89
N GLY A 117 -36.02 -7.57 2.58
CA GLY A 117 -34.97 -6.65 2.15
C GLY A 117 -34.33 -6.96 0.81
N LYS A 118 -35.14 -7.45 -0.15
CA LYS A 118 -34.67 -7.72 -1.51
C LYS A 118 -34.10 -6.47 -2.19
N ARG A 119 -34.84 -5.37 -2.08
CA ARG A 119 -34.48 -4.09 -2.69
C ARG A 119 -33.16 -3.53 -2.16
N ILE A 120 -32.90 -3.78 -0.87
CA ILE A 120 -31.63 -3.38 -0.25
C ILE A 120 -30.47 -4.23 -0.79
N ILE A 121 -30.66 -5.54 -0.84
CA ILE A 121 -29.70 -6.47 -1.43
C ILE A 121 -29.41 -6.11 -2.88
N LEU A 122 -30.45 -5.76 -3.63
CA LEU A 122 -30.33 -5.34 -5.01
C LEU A 122 -29.54 -4.04 -5.14
N PHE A 123 -29.79 -3.10 -4.24
CA PHE A 123 -29.12 -1.80 -4.25
C PHE A 123 -27.62 -1.95 -4.02
N LEU A 124 -27.24 -2.81 -3.07
CA LEU A 124 -25.84 -3.12 -2.80
C LEU A 124 -25.21 -3.87 -3.97
N PHE A 125 -25.97 -4.79 -4.57
CA PHE A 125 -25.52 -5.54 -5.74
C PHE A 125 -25.22 -4.61 -6.92
N LEU A 126 -26.11 -3.65 -7.15
CA LEU A 126 -25.95 -2.69 -8.24
C LEU A 126 -24.77 -1.76 -8.00
N MET A 127 -24.57 -1.35 -6.75
CA MET A 127 -23.40 -0.57 -6.34
C MET A 127 -22.10 -1.28 -6.70
N SER A 128 -22.02 -2.57 -6.39
CA SER A 128 -20.84 -3.38 -6.69
C SER A 128 -20.56 -3.43 -8.19
N VAL A 129 -21.60 -3.70 -8.98
CA VAL A 129 -21.49 -3.76 -10.45
C VAL A 129 -21.08 -2.40 -11.03
N ALA A 130 -21.62 -1.32 -10.46
CA ALA A 130 -21.24 0.04 -10.82
C ALA A 130 -19.77 0.31 -10.48
N GLY A 131 -19.35 -0.16 -9.31
CA GLY A 131 -17.96 -0.03 -8.87
C GLY A 131 -17.00 -0.84 -9.72
N ILE A 132 -17.44 -2.01 -10.15
CA ILE A 132 -16.68 -2.86 -11.06
C ILE A 132 -16.53 -2.20 -12.43
N PHE A 133 -17.62 -1.63 -12.93
CA PHE A 133 -17.62 -0.93 -14.21
C PHE A 133 -16.72 0.31 -14.14
N ASN A 134 -16.71 0.96 -12.98
CA ASN A 134 -15.83 2.08 -12.71
C ASN A 134 -14.35 1.68 -12.72
N TYR A 135 -14.04 0.54 -12.11
CA TYR A 135 -12.67 0.01 -12.11
C TYR A 135 -12.11 -0.14 -13.53
N TYR A 136 -12.88 -0.78 -14.41
CA TYR A 136 -12.44 -1.03 -15.77
C TYR A 136 -12.25 0.25 -16.59
N LEU A 137 -13.13 1.23 -16.37
CA LEU A 137 -13.03 2.53 -17.02
C LEU A 137 -11.72 3.24 -16.66
N ILE A 138 -11.35 3.20 -15.38
CA ILE A 138 -10.10 3.78 -14.89
C ILE A 138 -8.89 2.97 -15.37
N PHE A 139 -9.05 1.66 -15.47
CA PHE A 139 -7.98 0.78 -15.94
C PHE A 139 -7.65 1.01 -17.41
N PHE A 140 -8.69 1.06 -18.25
CA PHE A 140 -8.51 1.26 -19.68
C PHE A 140 -8.06 2.67 -20.03
N PHE A 141 -8.47 3.64 -19.21
CA PHE A 141 -8.00 5.02 -19.34
C PHE A 141 -6.52 5.12 -19.01
N GLY A 142 -6.09 4.37 -17.98
CA GLY A 142 -4.69 4.29 -17.59
C GLY A 142 -3.86 3.59 -18.65
N SER A 143 -4.46 2.59 -19.28
CA SER A 143 -3.84 1.87 -20.39
C SER A 143 -3.72 2.78 -21.63
N ASP A 144 -4.76 3.57 -21.89
CA ASP A 144 -4.78 4.51 -23.01
C ASP A 144 -3.75 5.62 -22.85
N PHE A 145 -3.65 6.16 -21.64
CA PHE A 145 -2.69 7.23 -21.32
C PHE A 145 -1.26 6.75 -21.46
N GLU A 146 -0.99 5.55 -20.95
CA GLU A 146 0.35 4.95 -21.02
C GLU A 146 0.77 4.70 -22.46
N ASN A 147 -0.14 4.14 -23.26
CA ASN A 147 0.11 3.89 -24.68
C ASN A 147 0.33 5.17 -25.48
N TYR A 148 -0.42 6.22 -25.12
CA TYR A 148 -0.32 7.54 -25.75
C TYR A 148 1.04 8.19 -25.49
N ILE A 149 1.49 8.14 -24.24
CA ILE A 149 2.80 8.67 -23.86
C ILE A 149 3.94 7.84 -24.49
N ALA A 150 3.74 6.54 -24.58
CA ALA A 150 4.71 5.66 -25.24
C ALA A 150 4.78 5.94 -26.74
N THR A 151 3.65 6.30 -27.34
CA THR A 151 3.57 6.63 -28.76
C THR A 151 4.29 7.94 -29.07
N ILE A 152 4.08 8.96 -28.25
CA ILE A 152 4.76 10.25 -28.44
C ILE A 152 6.26 10.10 -28.17
N SER A 153 6.60 9.35 -27.13
CA SER A 153 7.99 9.16 -26.72
C SER A 153 8.85 8.56 -27.84
N THR A 154 8.30 7.60 -28.57
CA THR A 154 9.03 6.96 -29.68
C THR A 154 9.19 7.87 -30.90
N THR A 155 8.13 8.57 -31.27
CA THR A 155 8.16 9.46 -32.44
C THR A 155 8.97 10.73 -32.20
N ILE A 156 9.12 11.12 -30.94
CA ILE A 156 9.86 12.33 -30.59
C ILE A 156 11.34 12.06 -30.25
N SER A 157 11.65 10.81 -29.89
CA SER A 157 13.02 10.44 -29.46
C SER A 157 14.16 10.91 -30.36
N PRO A 158 14.02 10.80 -31.70
CA PRO A 158 15.13 11.25 -32.57
C PRO A 158 15.41 12.76 -32.49
N LEU A 159 14.39 13.54 -32.16
CA LEU A 159 14.52 15.00 -32.01
C LEU A 159 15.40 15.42 -30.82
N LEU A 160 15.85 14.45 -30.03
CA LEU A 160 16.69 14.71 -28.85
C LEU A 160 17.72 13.60 -28.61
N SER B 2 13.15 -4.37 2.54
CA SER B 2 12.39 -3.34 3.32
C SER B 2 11.05 -3.01 2.65
N LEU B 3 11.12 -2.44 1.45
CA LEU B 3 9.93 -2.07 0.68
C LEU B 3 9.27 -3.28 0.03
N ASP B 4 7.99 -3.14 -0.31
CA ASP B 4 7.24 -4.18 -0.99
C ASP B 4 7.62 -4.32 -2.46
N GLN B 5 7.17 -5.39 -3.09
CA GLN B 5 7.51 -5.71 -4.48
C GLN B 5 6.92 -4.71 -5.48
N GLU B 6 5.71 -4.23 -5.20
CA GLU B 6 5.00 -3.33 -6.10
C GLU B 6 5.67 -1.96 -6.22
N THR B 7 6.05 -1.38 -5.08
CA THR B 7 6.67 -0.06 -5.04
C THR B 7 8.08 -0.04 -5.64
N VAL B 8 8.82 -1.12 -5.43
CA VAL B 8 10.17 -1.27 -6.01
C VAL B 8 10.06 -1.49 -7.53
N GLY B 9 9.02 -2.20 -7.95
CA GLY B 9 8.76 -2.45 -9.37
C GLY B 9 8.41 -1.19 -10.15
N ASN B 10 8.06 -0.14 -9.42
CA ASN B 10 7.75 1.15 -10.02
C ASN B 10 8.95 2.10 -10.06
N VAL B 11 10.04 1.73 -9.40
CA VAL B 11 11.24 2.57 -9.36
C VAL B 11 12.49 1.89 -9.93
N VAL B 12 12.38 0.60 -10.26
CA VAL B 12 13.55 -0.21 -10.63
C VAL B 12 14.33 0.30 -11.85
N LEU B 13 13.62 0.67 -12.93
CA LEU B 13 14.26 1.20 -14.13
C LEU B 13 14.86 2.59 -13.88
N LEU B 14 14.15 3.39 -13.08
CA LEU B 14 14.64 4.69 -12.65
C LEU B 14 15.93 4.57 -11.84
N ALA B 15 15.96 3.57 -10.96
CA ALA B 15 17.13 3.32 -10.10
C ALA B 15 18.35 2.91 -10.91
N ILE B 16 18.14 2.04 -11.90
CA ILE B 16 19.24 1.56 -12.75
C ILE B 16 19.92 2.72 -13.48
N VAL B 17 19.11 3.57 -14.13
CA VAL B 17 19.62 4.78 -14.79
C VAL B 17 20.38 5.68 -13.81
N THR B 18 19.83 5.86 -12.61
CA THR B 18 20.50 6.61 -11.55
C THR B 18 21.87 6.00 -11.21
N LEU B 19 21.91 4.67 -11.07
CA LEU B 19 23.16 4.01 -10.68
C LEU B 19 24.21 4.06 -11.78
N ILE B 20 23.77 4.08 -13.04
CA ILE B 20 24.68 4.26 -14.17
C ILE B 20 25.25 5.69 -14.15
N SER B 21 24.39 6.66 -13.87
CA SER B 21 24.80 8.07 -13.75
C SER B 21 25.81 8.28 -12.62
N VAL B 22 25.69 7.46 -11.57
CA VAL B 22 26.65 7.47 -10.46
C VAL B 22 28.03 7.01 -10.93
N VAL B 23 28.07 5.96 -11.76
CA VAL B 23 29.31 5.45 -12.34
C VAL B 23 29.93 6.49 -13.28
N GLN B 24 29.09 7.13 -14.09
CA GLN B 24 29.50 8.21 -14.96
C GLN B 24 30.06 9.39 -14.15
N ASN B 25 29.42 9.71 -13.02
CA ASN B 25 29.90 10.74 -12.11
C ASN B 25 31.28 10.42 -11.58
N GLY B 26 31.45 9.16 -11.15
CA GLY B 26 32.75 8.65 -10.73
C GLY B 26 33.78 8.72 -11.84
N PHE B 27 33.36 8.37 -13.06
CA PHE B 27 34.23 8.43 -14.23
C PHE B 27 34.69 9.86 -14.51
N PHE B 28 33.76 10.81 -14.47
CA PHE B 28 34.08 12.22 -14.69
C PHE B 28 35.08 12.73 -13.65
N ALA B 29 34.76 12.49 -12.38
CA ALA B 29 35.59 12.95 -11.27
C ALA B 29 36.98 12.34 -11.29
N HIS B 30 37.08 11.10 -11.76
CA HIS B 30 38.37 10.41 -11.93
C HIS B 30 39.20 11.07 -13.03
N LYS B 31 38.52 11.52 -14.08
CA LYS B 31 39.18 12.17 -15.21
C LYS B 31 39.67 13.57 -14.82
N VAL B 32 39.02 14.17 -13.82
CA VAL B 32 39.45 15.45 -13.26
C VAL B 32 40.68 15.25 -12.37
N GLU B 33 40.64 14.21 -11.53
CA GLU B 33 41.73 13.88 -10.60
C GLU B 33 43.00 13.45 -11.33
N HIS B 34 42.84 12.80 -12.49
CA HIS B 34 43.97 12.34 -13.31
C HIS B 34 44.78 13.52 -13.86
N GLU B 35 44.07 14.53 -14.36
CA GLU B 35 44.70 15.74 -14.89
C GLU B 35 45.22 16.68 -13.79
N SER B 36 44.62 16.56 -12.60
CA SER B 36 45.02 17.37 -11.44
C SER B 36 46.43 17.02 -10.94
N ARG B 37 46.80 15.75 -11.12
CA ARG B 37 48.11 15.24 -10.69
C ARG B 37 49.25 15.70 -11.61
N THR B 38 48.90 16.07 -12.84
CA THR B 38 49.88 16.56 -13.81
C THR B 38 50.02 18.08 -13.73
N GLY B 48 45.97 25.36 -12.19
CA GLY B 48 46.56 24.23 -12.90
C GLY B 48 46.81 24.52 -14.37
N THR B 49 47.13 23.48 -15.12
CA THR B 49 47.43 23.58 -16.55
C THR B 49 46.17 23.77 -17.40
N LEU B 50 46.37 24.10 -18.68
CA LEU B 50 45.28 24.36 -19.62
C LEU B 50 44.46 23.11 -19.96
N ALA B 51 45.10 21.95 -19.90
CA ALA B 51 44.43 20.67 -20.15
C ALA B 51 43.54 20.26 -18.99
N PHE B 52 43.94 20.65 -17.77
CA PHE B 52 43.18 20.36 -16.56
C PHE B 52 41.89 21.18 -16.48
N GLU B 53 41.99 22.47 -16.79
CA GLU B 53 40.84 23.38 -16.74
C GLU B 53 39.73 22.98 -17.71
N ARG B 54 40.11 22.39 -18.84
CA ARG B 54 39.17 21.90 -19.84
C ARG B 54 38.29 20.77 -19.29
N VAL B 55 38.91 19.87 -18.54
CA VAL B 55 38.21 18.75 -17.90
C VAL B 55 37.39 19.24 -16.71
N TYR B 56 37.97 20.16 -15.93
CA TYR B 56 37.32 20.72 -14.75
C TYR B 56 36.03 21.47 -15.10
N THR B 57 36.09 22.27 -16.17
CA THR B 57 34.94 23.03 -16.65
C THR B 57 33.83 22.10 -17.17
N ALA B 58 34.23 21.07 -17.90
CA ALA B 58 33.29 20.08 -18.43
C ALA B 58 32.53 19.38 -17.31
N ASN B 59 33.28 18.90 -16.31
CA ASN B 59 32.70 18.24 -15.16
C ASN B 59 31.78 19.15 -14.36
N GLN B 60 32.19 20.41 -14.20
CA GLN B 60 31.40 21.40 -13.45
C GLN B 60 30.07 21.69 -14.11
N ASN B 61 30.05 21.72 -15.44
CA ASN B 61 28.82 21.88 -16.21
C ASN B 61 27.90 20.66 -16.08
N CYS B 62 28.52 19.48 -15.94
CA CYS B 62 27.78 18.24 -15.70
C CYS B 62 27.21 18.19 -14.28
N VAL B 63 28.04 18.58 -13.30
CA VAL B 63 27.64 18.60 -11.89
C VAL B 63 26.52 19.61 -11.62
N ASP B 64 26.62 20.80 -12.22
CA ASP B 64 25.64 21.87 -12.02
C ASP B 64 24.24 21.48 -12.47
N ALA B 65 24.14 20.69 -13.54
CA ALA B 65 22.86 20.30 -14.12
C ALA B 65 22.33 18.95 -13.61
N TYR B 66 23.19 18.19 -12.93
CA TYR B 66 22.85 16.83 -12.49
C TYR B 66 21.64 16.72 -11.54
N PRO B 67 21.57 17.57 -10.49
CA PRO B 67 20.40 17.50 -9.60
C PRO B 67 19.08 17.78 -10.32
N THR B 68 19.12 18.67 -11.31
CA THR B 68 17.95 18.98 -12.13
C THR B 68 17.51 17.76 -12.92
N PHE B 69 18.46 17.10 -13.58
CA PHE B 69 18.19 15.87 -14.32
C PHE B 69 17.59 14.78 -13.44
N LEU B 70 18.18 14.59 -12.26
CA LEU B 70 17.73 13.55 -11.34
C LEU B 70 16.32 13.85 -10.85
N ALA B 71 16.01 15.14 -10.70
CA ALA B 71 14.67 15.58 -10.31
C ALA B 71 13.62 15.28 -11.37
N VAL B 72 13.88 15.67 -12.62
CA VAL B 72 12.92 15.46 -13.71
C VAL B 72 12.80 14.00 -14.14
N LEU B 73 13.89 13.26 -14.04
CA LEU B 73 13.90 11.83 -14.35
C LEU B 73 12.92 11.09 -13.44
N TRP B 74 13.00 11.37 -12.15
CA TRP B 74 12.15 10.70 -11.16
C TRP B 74 10.71 11.20 -11.17
N SER B 75 10.53 12.52 -11.29
CA SER B 75 9.19 13.09 -11.43
C SER B 75 8.46 12.47 -12.62
N ALA B 76 9.14 12.37 -13.76
CA ALA B 76 8.56 11.76 -14.95
C ALA B 76 8.25 10.28 -14.74
N GLY B 77 9.22 9.56 -14.19
CA GLY B 77 9.07 8.13 -13.93
C GLY B 77 7.98 7.77 -12.95
N LEU B 78 7.82 8.57 -11.90
CA LEU B 78 6.87 8.29 -10.83
C LEU B 78 5.44 8.78 -11.13
N LEU B 79 5.31 9.84 -11.90
CA LEU B 79 4.01 10.47 -12.15
C LEU B 79 3.40 10.12 -13.51
N CYS B 80 4.25 9.82 -14.49
CA CYS B 80 3.79 9.56 -15.85
C CYS B 80 3.92 8.09 -16.23
N SER B 81 5.07 7.73 -16.78
CA SER B 81 5.37 6.36 -17.17
C SER B 81 6.86 6.07 -17.01
N GLN B 82 7.18 4.97 -16.35
CA GLN B 82 8.57 4.64 -16.00
C GLN B 82 9.48 4.35 -17.19
N VAL B 83 8.98 3.60 -18.18
CA VAL B 83 9.80 3.16 -19.32
C VAL B 83 10.27 4.32 -20.24
N PRO B 84 9.33 5.20 -20.69
CA PRO B 84 9.76 6.35 -21.49
C PRO B 84 10.73 7.26 -20.73
N ALA B 85 10.45 7.46 -19.45
CA ALA B 85 11.29 8.28 -18.59
C ALA B 85 12.71 7.73 -18.46
N ALA B 86 12.83 6.45 -18.13
CA ALA B 86 14.12 5.79 -17.96
C ALA B 86 14.90 5.69 -19.28
N PHE B 87 14.18 5.63 -20.40
CA PHE B 87 14.79 5.62 -21.71
C PHE B 87 15.35 7.01 -22.04
N ALA B 88 14.56 8.05 -21.74
CA ALA B 88 15.02 9.43 -21.87
C ALA B 88 16.19 9.71 -20.94
N GLY B 89 16.15 9.12 -19.74
CA GLY B 89 17.26 9.21 -18.79
C GLY B 89 18.54 8.62 -19.35
N LEU B 90 18.42 7.48 -20.02
CA LEU B 90 19.55 6.80 -20.65
C LEU B 90 20.14 7.66 -21.77
N MET B 91 19.26 8.30 -22.53
CA MET B 91 19.65 9.21 -23.60
C MET B 91 20.43 10.42 -23.09
N TYR B 92 20.04 10.93 -21.93
CA TYR B 92 20.73 12.05 -21.29
C TYR B 92 22.17 11.70 -20.95
N LEU B 93 22.40 10.51 -20.43
CA LEU B 93 23.74 10.05 -20.05
C LEU B 93 24.62 9.84 -21.27
N PHE B 94 24.02 9.42 -22.37
CA PHE B 94 24.69 9.25 -23.66
C PHE B 94 25.18 10.60 -24.19
N VAL B 95 24.27 11.59 -24.22
CA VAL B 95 24.60 12.96 -24.61
C VAL B 95 25.63 13.58 -23.66
N ARG B 96 25.49 13.28 -22.37
CA ARG B 96 26.38 13.75 -21.32
C ARG B 96 27.79 13.20 -21.53
N GLN B 97 27.88 11.93 -21.93
CA GLN B 97 29.15 11.29 -22.24
C GLN B 97 29.81 11.93 -23.46
N LYS B 98 29.02 12.23 -24.48
CA LYS B 98 29.51 12.83 -25.71
C LYS B 98 29.94 14.29 -25.54
N TYR B 99 29.25 15.00 -24.64
CA TYR B 99 29.64 16.36 -24.28
C TYR B 99 30.98 16.38 -23.53
N PHE B 100 31.14 15.47 -22.58
CA PHE B 100 32.34 15.39 -21.76
C PHE B 100 33.56 14.95 -22.58
N VAL B 101 33.34 14.12 -23.59
CA VAL B 101 34.40 13.62 -24.46
C VAL B 101 34.91 14.70 -25.43
N GLY B 102 33.98 15.46 -26.02
CA GLY B 102 34.32 16.52 -26.97
C GLY B 102 33.30 16.68 -28.08
N PRO B 112 32.66 23.14 -25.13
CA PRO B 112 31.90 23.65 -26.26
C PRO B 112 30.84 24.66 -25.83
N GLY B 113 29.71 24.17 -25.29
CA GLY B 113 28.64 25.03 -24.79
C GLY B 113 28.30 24.71 -23.34
N TYR B 114 27.66 25.66 -22.67
CA TYR B 114 27.36 25.52 -21.24
C TYR B 114 26.27 24.49 -20.92
N ILE B 115 25.19 24.49 -21.70
CA ILE B 115 24.06 23.58 -21.47
C ILE B 115 24.00 22.48 -22.52
N PHE B 116 23.78 21.26 -22.08
CA PHE B 116 23.54 20.11 -22.96
C PHE B 116 22.28 19.37 -22.53
N GLY B 117 21.77 18.51 -23.41
CA GLY B 117 20.59 17.69 -23.13
C GLY B 117 19.33 18.47 -22.80
N LYS B 118 19.29 19.74 -23.22
CA LYS B 118 18.18 20.64 -22.92
C LYS B 118 16.84 20.06 -23.35
N ARG B 119 16.80 19.50 -24.56
CA ARG B 119 15.56 18.91 -25.11
C ARG B 119 15.10 17.66 -24.34
N ILE B 120 16.08 16.88 -23.86
CA ILE B 120 15.79 15.71 -23.02
C ILE B 120 15.18 16.12 -21.68
N ILE B 121 15.78 17.11 -21.03
CA ILE B 121 15.23 17.66 -19.78
C ILE B 121 13.82 18.21 -19.99
N LEU B 122 13.62 18.92 -21.09
CA LEU B 122 12.30 19.46 -21.44
C LEU B 122 11.26 18.35 -21.60
N PHE B 123 11.63 17.27 -22.28
CA PHE B 123 10.73 16.13 -22.50
C PHE B 123 10.35 15.44 -21.19
N LEU B 124 11.34 15.22 -20.32
CA LEU B 124 11.11 14.68 -18.98
C LEU B 124 10.23 15.60 -18.14
N PHE B 125 10.40 16.91 -18.32
CA PHE B 125 9.56 17.91 -17.67
C PHE B 125 8.11 17.84 -18.15
N LEU B 126 7.93 17.70 -19.47
CA LEU B 126 6.60 17.65 -20.07
C LEU B 126 5.84 16.39 -19.68
N MET B 127 6.59 15.28 -19.55
CA MET B 127 6.04 14.02 -19.05
C MET B 127 5.44 14.18 -17.66
N SER B 128 6.16 14.91 -16.80
CA SER B 128 5.71 15.14 -15.42
C SER B 128 4.44 15.98 -15.36
N VAL B 129 4.39 17.05 -16.17
CA VAL B 129 3.21 17.92 -16.24
C VAL B 129 1.98 17.13 -16.70
N ALA B 130 2.19 16.25 -17.67
CA ALA B 130 1.12 15.38 -18.18
C ALA B 130 0.67 14.38 -17.11
N GLY B 131 1.62 13.83 -16.38
CA GLY B 131 1.33 12.88 -15.29
C GLY B 131 0.54 13.52 -14.16
N ILE B 132 0.86 14.78 -13.86
CA ILE B 132 0.12 15.56 -12.86
C ILE B 132 -1.29 15.88 -13.37
N PHE B 133 -1.39 16.27 -14.64
CA PHE B 133 -2.67 16.53 -15.29
C PHE B 133 -3.53 15.25 -15.29
N ASN B 134 -2.87 14.11 -15.46
CA ASN B 134 -3.53 12.81 -15.44
C ASN B 134 -4.04 12.45 -14.04
N TYR B 135 -3.25 12.77 -13.01
CA TYR B 135 -3.64 12.56 -11.62
C TYR B 135 -4.98 13.24 -11.31
N TYR B 136 -5.08 14.51 -11.69
CA TYR B 136 -6.28 15.30 -11.41
C TYR B 136 -7.52 14.81 -12.16
N LEU B 137 -7.33 14.29 -13.37
CA LEU B 137 -8.44 13.72 -14.14
C LEU B 137 -9.05 12.51 -13.44
N ILE B 138 -8.20 11.59 -13.00
CA ILE B 138 -8.64 10.38 -12.30
C ILE B 138 -9.27 10.72 -10.94
N PHE B 139 -8.68 11.71 -10.25
CA PHE B 139 -9.17 12.15 -8.94
C PHE B 139 -10.57 12.77 -9.04
N PHE B 140 -10.74 13.70 -9.98
CA PHE B 140 -12.02 14.36 -10.18
C PHE B 140 -13.09 13.41 -10.72
N PHE B 141 -12.68 12.50 -11.60
CA PHE B 141 -13.59 11.45 -12.10
C PHE B 141 -14.00 10.51 -10.96
N GLY B 142 -13.06 10.26 -10.04
CA GLY B 142 -13.32 9.46 -8.85
C GLY B 142 -14.20 10.21 -7.86
N SER B 143 -14.15 11.54 -7.90
CA SER B 143 -15.01 12.38 -7.09
C SER B 143 -16.40 12.48 -7.72
N ASP B 144 -16.45 12.56 -9.05
CA ASP B 144 -17.71 12.64 -9.80
C ASP B 144 -18.54 11.36 -9.65
N PHE B 145 -17.85 10.21 -9.70
CA PHE B 145 -18.50 8.91 -9.49
C PHE B 145 -19.02 8.78 -8.07
N GLU B 146 -18.27 9.31 -7.12
CA GLU B 146 -18.65 9.32 -5.71
C GLU B 146 -19.90 10.19 -5.49
N ASN B 147 -19.91 11.37 -6.12
CA ASN B 147 -21.04 12.30 -6.04
C ASN B 147 -22.27 11.79 -6.78
N TYR B 148 -22.05 11.06 -7.87
CA TYR B 148 -23.13 10.51 -8.69
C TYR B 148 -23.83 9.37 -7.96
N ILE B 149 -23.06 8.55 -7.25
CA ILE B 149 -23.61 7.45 -6.45
C ILE B 149 -24.33 7.93 -5.21
N ALA B 150 -23.85 9.03 -4.62
CA ALA B 150 -24.47 9.65 -3.46
C ALA B 150 -25.83 10.27 -3.79
N THR B 151 -25.96 10.76 -5.03
CA THR B 151 -27.21 11.37 -5.50
C THR B 151 -28.28 10.30 -5.78
N ILE B 152 -27.86 9.17 -6.36
CA ILE B 152 -28.75 8.04 -6.60
C ILE B 152 -29.14 7.39 -5.27
N SER B 153 -28.17 7.26 -4.37
CA SER B 153 -28.38 6.65 -3.06
C SER B 153 -29.41 7.41 -2.23
N THR B 154 -29.33 8.73 -2.22
CA THR B 154 -30.21 9.57 -1.41
C THR B 154 -31.66 9.61 -1.92
N THR B 155 -31.84 9.44 -3.23
CA THR B 155 -33.16 9.51 -3.85
C THR B 155 -33.94 8.20 -3.73
N ILE B 156 -33.24 7.07 -3.86
CA ILE B 156 -33.86 5.75 -3.81
C ILE B 156 -33.97 5.22 -2.38
N SER B 157 -33.28 5.88 -1.44
CA SER B 157 -33.27 5.44 -0.04
C SER B 157 -34.62 5.13 0.62
N PRO B 158 -35.66 5.98 0.42
CA PRO B 158 -36.93 5.65 1.05
C PRO B 158 -37.75 4.58 0.29
N LEU B 159 -37.06 3.66 -0.39
CA LEU B 159 -37.72 2.59 -1.13
C LEU B 159 -37.09 1.23 -0.81
N SER C 2 2.58 6.20 -13.11
CA SER C 2 2.59 4.72 -12.93
C SER C 2 2.20 4.30 -11.51
N LEU C 3 2.55 5.13 -10.53
CA LEU C 3 2.19 4.90 -9.14
C LEU C 3 0.68 5.05 -8.91
N ASP C 4 0.20 4.44 -7.82
CA ASP C 4 -1.22 4.50 -7.46
C ASP C 4 -1.70 5.91 -7.12
N GLN C 5 -3.02 6.11 -7.20
CA GLN C 5 -3.65 7.43 -7.01
C GLN C 5 -3.40 8.02 -5.63
N GLU C 6 -3.38 7.18 -4.61
CA GLU C 6 -3.26 7.61 -3.21
C GLU C 6 -1.89 8.23 -2.91
N THR C 7 -0.83 7.51 -3.26
CA THR C 7 0.55 7.95 -2.95
C THR C 7 0.98 9.18 -3.75
N VAL C 8 0.49 9.28 -4.99
CA VAL C 8 0.75 10.45 -5.84
C VAL C 8 0.12 11.70 -5.24
N GLY C 9 -1.06 11.54 -4.63
CA GLY C 9 -1.75 12.65 -3.95
C GLY C 9 -0.97 13.21 -2.77
N ASN C 10 -0.14 12.39 -2.15
CA ASN C 10 0.69 12.81 -1.04
C ASN C 10 2.01 13.47 -1.45
N VAL C 11 2.27 13.49 -2.76
CA VAL C 11 3.52 14.08 -3.29
C VAL C 11 3.28 15.12 -4.39
N VAL C 12 2.05 15.22 -4.88
CA VAL C 12 1.72 16.08 -6.03
C VAL C 12 2.07 17.56 -5.83
N LEU C 13 1.78 18.09 -4.65
CA LEU C 13 2.12 19.49 -4.33
C LEU C 13 3.62 19.71 -4.31
N LEU C 14 4.35 18.71 -3.80
CA LEU C 14 5.81 18.77 -3.75
C LEU C 14 6.42 18.64 -5.14
N ALA C 15 5.79 17.81 -5.97
CA ALA C 15 6.21 17.61 -7.37
C ALA C 15 6.07 18.90 -8.20
N ILE C 16 4.96 19.61 -8.00
CA ILE C 16 4.70 20.88 -8.68
C ILE C 16 5.77 21.92 -8.32
N VAL C 17 6.07 22.03 -7.03
CA VAL C 17 7.09 22.96 -6.52
C VAL C 17 8.47 22.61 -7.08
N THR C 18 8.78 21.31 -7.12
CA THR C 18 10.04 20.83 -7.68
C THR C 18 10.14 21.16 -9.17
N LEU C 19 9.04 21.01 -9.90
CA LEU C 19 9.01 21.33 -11.32
C LEU C 19 9.21 22.82 -11.58
N ILE C 20 8.67 23.66 -10.69
CA ILE C 20 8.89 25.11 -10.76
C ILE C 20 10.36 25.45 -10.48
N SER C 21 10.96 24.76 -9.51
CA SER C 21 12.39 24.92 -9.21
C SER C 21 13.26 24.55 -10.41
N VAL C 22 12.77 23.57 -11.19
CA VAL C 22 13.45 23.12 -12.41
C VAL C 22 13.42 24.21 -13.49
N VAL C 23 12.25 24.78 -13.73
CA VAL C 23 12.08 25.91 -14.66
C VAL C 23 13.06 27.04 -14.30
N GLN C 24 13.11 27.34 -13.00
CA GLN C 24 13.97 28.40 -12.47
C GLN C 24 15.45 28.09 -12.64
N ASN C 25 15.83 26.82 -12.48
CA ASN C 25 17.20 26.37 -12.75
C ASN C 25 17.58 26.62 -14.20
N GLY C 26 16.63 26.33 -15.10
CA GLY C 26 16.80 26.57 -16.52
C GLY C 26 17.00 28.03 -16.84
N PHE C 27 16.18 28.88 -16.20
CA PHE C 27 16.30 30.34 -16.31
C PHE C 27 17.69 30.81 -15.88
N PHE C 28 18.15 30.30 -14.74
CA PHE C 28 19.49 30.64 -14.21
C PHE C 28 20.59 30.21 -15.19
N ALA C 29 20.49 28.99 -15.69
CA ALA C 29 21.47 28.43 -16.62
C ALA C 29 21.43 29.13 -17.98
N HIS C 30 20.25 29.59 -18.36
CA HIS C 30 20.05 30.35 -19.60
C HIS C 30 20.73 31.71 -19.50
N LYS C 31 20.61 32.34 -18.33
CA LYS C 31 21.22 33.64 -18.07
C LYS C 31 22.75 33.55 -18.07
N VAL C 32 23.27 32.44 -17.54
CA VAL C 32 24.72 32.17 -17.57
C VAL C 32 25.20 31.98 -19.00
N GLU C 33 24.44 31.20 -19.78
CA GLU C 33 24.80 30.89 -21.17
C GLU C 33 24.76 32.13 -22.06
N HIS C 34 23.81 33.04 -21.78
CA HIS C 34 23.66 34.29 -22.50
C HIS C 34 24.90 35.17 -22.38
N GLU C 35 25.53 35.15 -21.21
CA GLU C 35 26.67 36.01 -20.93
C GLU C 35 28.00 35.39 -21.36
N SER C 36 27.95 34.14 -21.83
CA SER C 36 29.13 33.45 -22.34
C SER C 36 29.52 33.99 -23.71
N GLY C 48 35.89 35.52 -17.92
CA GLY C 48 35.67 36.52 -18.96
C GLY C 48 35.45 37.92 -18.41
N THR C 49 34.30 38.50 -18.72
CA THR C 49 33.94 39.85 -18.29
C THR C 49 33.34 39.85 -16.88
N LEU C 50 33.03 41.05 -16.37
CA LEU C 50 32.45 41.22 -15.04
C LEU C 50 31.02 40.71 -14.96
N ALA C 51 30.23 41.04 -15.99
CA ALA C 51 28.82 40.63 -16.05
C ALA C 51 28.67 39.10 -16.07
N PHE C 52 29.62 38.42 -16.69
CA PHE C 52 29.61 36.95 -16.79
C PHE C 52 29.96 36.30 -15.46
N GLU C 53 30.99 36.82 -14.80
CA GLU C 53 31.42 36.33 -13.49
C GLU C 53 30.34 36.45 -12.41
N ARG C 54 29.56 37.53 -12.46
CA ARG C 54 28.49 37.78 -11.50
C ARG C 54 27.37 36.75 -11.62
N VAL C 55 26.89 36.52 -12.85
CA VAL C 55 25.81 35.58 -13.12
C VAL C 55 26.25 34.14 -12.88
N TYR C 56 27.49 33.81 -13.28
CA TYR C 56 28.04 32.47 -13.06
C TYR C 56 28.14 32.16 -11.56
N THR C 57 28.64 33.12 -10.78
CA THR C 57 28.74 32.98 -9.33
C THR C 57 27.36 32.88 -8.68
N ALA C 58 26.43 33.71 -9.14
CA ALA C 58 25.04 33.67 -8.66
C ALA C 58 24.41 32.30 -8.90
N ASN C 59 24.53 31.80 -10.12
CA ASN C 59 24.07 30.46 -10.48
C ASN C 59 24.78 29.37 -9.68
N GLN C 60 26.10 29.50 -9.55
CA GLN C 60 26.93 28.52 -8.84
C GLN C 60 26.50 28.36 -7.38
N ASN C 61 26.25 29.50 -6.72
CA ASN C 61 25.78 29.51 -5.34
C ASN C 61 24.41 28.84 -5.18
N CYS C 62 23.51 29.11 -6.13
CA CYS C 62 22.17 28.52 -6.15
C CYS C 62 22.21 26.99 -6.33
N VAL C 63 23.03 26.54 -7.26
CA VAL C 63 23.22 25.11 -7.53
C VAL C 63 23.77 24.38 -6.30
N ASP C 64 24.78 24.98 -5.67
CA ASP C 64 25.43 24.41 -4.49
C ASP C 64 24.46 24.07 -3.35
N ALA C 65 23.40 24.87 -3.23
CA ALA C 65 22.40 24.70 -2.17
C ALA C 65 21.14 23.95 -2.62
N TYR C 66 21.06 23.65 -3.92
CA TYR C 66 19.84 23.07 -4.49
C TYR C 66 19.49 21.67 -3.96
N PRO C 67 20.46 20.72 -3.93
CA PRO C 67 20.15 19.40 -3.39
C PRO C 67 19.69 19.46 -1.93
N THR C 68 20.32 20.33 -1.13
CA THR C 68 19.97 20.51 0.27
C THR C 68 18.51 20.96 0.41
N PHE C 69 18.12 21.99 -0.34
CA PHE C 69 16.73 22.46 -0.35
C PHE C 69 15.77 21.36 -0.78
N LEU C 70 16.17 20.60 -1.80
CA LEU C 70 15.36 19.51 -2.33
C LEU C 70 15.16 18.42 -1.29
N ALA C 71 16.24 18.09 -0.57
CA ALA C 71 16.21 17.09 0.49
C ALA C 71 15.23 17.44 1.60
N VAL C 72 15.31 18.68 2.10
CA VAL C 72 14.44 19.12 3.20
C VAL C 72 13.01 19.36 2.77
N LEU C 73 12.84 19.80 1.52
CA LEU C 73 11.51 20.05 0.95
C LEU C 73 10.69 18.77 0.91
N TRP C 74 11.31 17.68 0.44
CA TRP C 74 10.64 16.40 0.35
C TRP C 74 10.53 15.69 1.70
N SER C 75 11.56 15.82 2.54
CA SER C 75 11.53 15.29 3.90
C SER C 75 10.36 15.86 4.71
N ALA C 76 10.20 17.19 4.67
CA ALA C 76 9.10 17.85 5.36
C ALA C 76 7.75 17.38 4.82
N GLY C 77 7.65 17.30 3.50
CA GLY C 77 6.40 16.92 2.83
C GLY C 77 5.99 15.48 3.04
N LEU C 78 6.96 14.58 3.11
CA LEU C 78 6.70 13.14 3.25
C LEU C 78 6.46 12.72 4.70
N LEU C 79 7.25 13.26 5.62
CA LEU C 79 7.24 12.83 7.02
C LEU C 79 6.29 13.63 7.91
N CYS C 80 6.02 14.88 7.53
CA CYS C 80 5.26 15.79 8.38
C CYS C 80 3.91 16.16 7.77
N SER C 81 3.93 17.13 6.85
CA SER C 81 2.72 17.63 6.20
C SER C 81 3.09 18.23 4.86
N GLN C 82 2.28 17.97 3.84
CA GLN C 82 2.62 18.32 2.46
C GLN C 82 2.38 19.79 2.12
N VAL C 83 1.19 20.30 2.45
CA VAL C 83 0.79 21.68 2.13
C VAL C 83 1.76 22.74 2.67
N PRO C 84 2.07 22.71 3.99
CA PRO C 84 3.00 23.70 4.54
C PRO C 84 4.39 23.60 3.92
N ALA C 85 4.86 22.38 3.69
CA ALA C 85 6.16 22.12 3.07
C ALA C 85 6.26 22.71 1.66
N ALA C 86 5.25 22.44 0.83
CA ALA C 86 5.22 22.97 -0.53
C ALA C 86 5.14 24.49 -0.53
N PHE C 87 4.36 25.03 0.41
CA PHE C 87 4.23 26.48 0.59
C PHE C 87 5.57 27.11 0.96
N ALA C 88 6.29 26.50 1.90
CA ALA C 88 7.61 26.97 2.29
C ALA C 88 8.59 26.84 1.12
N GLY C 89 8.50 25.73 0.40
CA GLY C 89 9.31 25.50 -0.80
C GLY C 89 9.05 26.54 -1.88
N LEU C 90 7.80 26.99 -1.97
CA LEU C 90 7.42 28.01 -2.95
C LEU C 90 7.99 29.38 -2.57
N MET C 91 7.99 29.68 -1.26
CA MET C 91 8.57 30.91 -0.74
C MET C 91 10.09 30.93 -0.97
N TYR C 92 10.72 29.78 -0.77
CA TYR C 92 12.16 29.63 -1.00
C TYR C 92 12.54 30.07 -2.40
N LEU C 93 11.71 29.71 -3.39
CA LEU C 93 11.95 30.04 -4.78
C LEU C 93 11.88 31.55 -5.07
N PHE C 94 10.98 32.25 -4.37
CA PHE C 94 10.89 33.71 -4.45
C PHE C 94 12.14 34.39 -3.91
N VAL C 95 12.61 33.91 -2.76
CA VAL C 95 13.85 34.40 -2.13
C VAL C 95 15.05 34.09 -3.02
N ARG C 96 15.00 32.93 -3.67
CA ARG C 96 16.03 32.49 -4.61
C ARG C 96 16.06 33.37 -5.86
N GLN C 97 14.88 33.81 -6.30
CA GLN C 97 14.76 34.71 -7.45
C GLN C 97 15.40 36.07 -7.18
N LYS C 98 15.11 36.62 -6.00
CA LYS C 98 15.66 37.91 -5.58
C LYS C 98 17.18 37.84 -5.39
N TYR C 99 17.65 36.73 -4.81
CA TYR C 99 19.07 36.50 -4.57
C TYR C 99 19.87 36.48 -5.87
N PHE C 100 19.35 35.78 -6.87
CA PHE C 100 20.00 35.65 -8.17
C PHE C 100 20.06 36.99 -8.89
N VAL C 101 18.92 37.70 -8.89
CA VAL C 101 18.81 39.01 -9.53
C VAL C 101 19.65 40.06 -8.79
N GLY C 102 19.85 39.85 -7.49
CA GLY C 102 20.69 40.72 -6.67
C GLY C 102 22.14 40.79 -7.11
N TYR C 103 22.58 39.78 -7.87
CA TYR C 103 23.92 39.76 -8.44
C TYR C 103 23.99 40.51 -9.78
N LEU C 104 22.83 40.85 -10.32
CA LEU C 104 22.74 41.51 -11.62
C LEU C 104 22.62 43.03 -11.46
N GLN C 109 28.91 46.27 -8.45
CA GLN C 109 29.01 47.00 -7.18
C GLN C 109 29.09 46.04 -5.99
N SER C 110 27.94 45.77 -5.36
CA SER C 110 27.86 44.84 -4.24
C SER C 110 26.75 43.82 -4.47
N THR C 111 26.93 42.61 -3.95
CA THR C 111 25.98 41.51 -4.13
C THR C 111 25.55 40.93 -2.78
N PRO C 112 24.54 40.05 -2.78
CA PRO C 112 24.24 39.25 -1.59
C PRO C 112 25.37 38.27 -1.26
N GLY C 113 25.29 37.63 -0.09
CA GLY C 113 26.30 36.68 0.36
C GLY C 113 26.22 35.32 -0.33
N TYR C 114 26.74 34.30 0.34
CA TYR C 114 26.75 32.94 -0.19
C TYR C 114 25.44 32.20 0.12
N ILE C 115 24.82 32.56 1.24
CA ILE C 115 23.64 31.85 1.75
C ILE C 115 22.37 32.69 1.61
N PHE C 116 21.30 32.03 1.18
CA PHE C 116 19.97 32.63 1.09
C PHE C 116 18.92 31.61 1.54
N GLY C 117 17.75 32.12 1.92
CA GLY C 117 16.63 31.28 2.37
C GLY C 117 16.97 30.29 3.47
N LYS C 118 17.93 30.67 4.32
CA LYS C 118 18.39 29.85 5.43
C LYS C 118 17.28 29.58 6.46
N ARG C 119 16.42 30.58 6.66
CA ARG C 119 15.30 30.46 7.59
C ARG C 119 14.23 29.48 7.09
N ILE C 120 14.09 29.41 5.76
CA ILE C 120 13.15 28.49 5.12
C ILE C 120 13.66 27.05 5.18
N ILE C 121 14.98 26.88 5.00
CA ILE C 121 15.62 25.57 5.15
C ILE C 121 15.43 25.04 6.57
N LEU C 122 15.72 25.90 7.55
CA LEU C 122 15.54 25.59 8.98
C LEU C 122 14.12 25.11 9.27
N PHE C 123 13.13 25.88 8.83
CA PHE C 123 11.72 25.54 9.01
C PHE C 123 11.36 24.16 8.46
N LEU C 124 11.77 23.89 7.22
CA LEU C 124 11.55 22.58 6.58
C LEU C 124 12.32 21.47 7.30
N PHE C 125 13.50 21.79 7.80
CA PHE C 125 14.29 20.86 8.61
C PHE C 125 13.56 20.52 9.91
N LEU C 126 13.03 21.53 10.58
CA LEU C 126 12.31 21.36 11.84
C LEU C 126 11.02 20.57 11.65
N MET C 127 10.32 20.85 10.55
CA MET C 127 9.12 20.11 10.16
C MET C 127 9.40 18.61 10.05
N SER C 128 10.54 18.27 9.45
CA SER C 128 10.96 16.88 9.30
C SER C 128 11.19 16.24 10.67
N VAL C 129 11.89 16.96 11.55
CA VAL C 129 12.13 16.51 12.92
C VAL C 129 10.80 16.33 13.67
N ALA C 130 9.88 17.27 13.49
CA ALA C 130 8.55 17.20 14.09
C ALA C 130 7.76 15.99 13.58
N GLY C 131 7.89 15.71 12.28
CA GLY C 131 7.21 14.58 11.65
C GLY C 131 7.79 13.24 12.08
N ILE C 132 9.11 13.17 12.19
CA ILE C 132 9.81 11.96 12.63
C ILE C 132 9.45 11.60 14.07
N PHE C 133 9.44 12.59 14.95
CA PHE C 133 9.02 12.40 16.34
C PHE C 133 7.55 11.99 16.43
N ASN C 134 6.73 12.54 15.53
CA ASN C 134 5.33 12.15 15.41
C ASN C 134 5.17 10.67 15.02
N TYR C 135 6.07 10.19 14.16
CA TYR C 135 6.09 8.77 13.78
C TYR C 135 6.41 7.88 14.98
N TYR C 136 7.37 8.29 15.80
CA TYR C 136 7.78 7.52 16.98
C TYR C 136 6.73 7.50 18.07
N LEU C 137 5.92 8.55 18.16
CA LEU C 137 4.82 8.61 19.12
C LEU C 137 3.74 7.59 18.77
N ILE C 138 3.35 7.57 17.49
CA ILE C 138 2.31 6.66 17.00
C ILE C 138 2.76 5.20 17.05
N PHE C 139 4.04 4.96 16.77
CA PHE C 139 4.62 3.62 16.85
C PHE C 139 4.60 3.07 18.27
N PHE C 140 5.05 3.88 19.23
CA PHE C 140 5.08 3.51 20.64
C PHE C 140 3.68 3.38 21.23
N PHE C 141 2.77 4.23 20.79
CA PHE C 141 1.36 4.17 21.18
C PHE C 141 0.70 2.90 20.65
N GLY C 142 1.08 2.50 19.44
CA GLY C 142 0.56 1.30 18.80
C GLY C 142 1.05 0.01 19.46
N SER C 143 2.34 -0.01 19.79
CA SER C 143 2.96 -1.15 20.45
C SER C 143 2.51 -1.28 21.91
N ASP C 144 2.20 -0.14 22.54
CA ASP C 144 1.61 -0.12 23.88
C ASP C 144 0.19 -0.68 23.85
N PHE C 145 -0.55 -0.34 22.80
CA PHE C 145 -1.88 -0.88 22.57
C PHE C 145 -1.83 -2.37 22.26
N GLU C 146 -0.82 -2.78 21.51
CA GLU C 146 -0.61 -4.18 21.15
C GLU C 146 -0.25 -5.04 22.36
N ASN C 147 0.56 -4.48 23.27
CA ASN C 147 0.96 -5.17 24.50
C ASN C 147 -0.15 -5.16 25.56
N TYR C 148 -0.99 -4.15 25.51
CA TYR C 148 -2.14 -4.00 26.40
C TYR C 148 -3.21 -5.05 26.09
N ILE C 149 -3.47 -5.26 24.80
CA ILE C 149 -4.42 -6.28 24.33
C ILE C 149 -3.87 -7.68 24.58
N ALA C 150 -2.56 -7.84 24.41
CA ALA C 150 -1.88 -9.12 24.63
C ALA C 150 -2.00 -9.60 26.07
N THR C 151 -1.93 -8.66 27.02
CA THR C 151 -2.00 -8.97 28.44
C THR C 151 -3.43 -9.33 28.87
N ILE C 152 -4.41 -8.54 28.42
CA ILE C 152 -5.82 -8.80 28.67
C ILE C 152 -6.23 -10.19 28.19
N SER C 153 -5.84 -10.51 26.95
CA SER C 153 -6.13 -11.81 26.33
C SER C 153 -5.62 -12.98 27.17
N THR C 154 -4.41 -12.85 27.70
CA THR C 154 -3.80 -13.88 28.54
C THR C 154 -4.54 -13.98 29.88
N THR C 155 -5.00 -12.84 30.40
CA THR C 155 -5.74 -12.80 31.65
C THR C 155 -7.13 -13.42 31.48
N ILE C 156 -7.95 -12.82 30.63
CA ILE C 156 -9.27 -13.37 30.30
C ILE C 156 -9.08 -14.41 29.19
N SER C 157 -8.73 -15.63 29.60
CA SER C 157 -8.50 -16.73 28.68
C SER C 157 -9.20 -18.01 29.14
N PRO C 158 -8.97 -18.44 30.41
CA PRO C 158 -9.77 -19.56 30.91
C PRO C 158 -11.23 -19.15 31.11
N LEU C 159 -12.14 -19.99 30.60
CA LEU C 159 -13.58 -19.70 30.62
C LEU C 159 -14.39 -20.97 30.32
N SER D 2 2.48 12.86 6.55
CA SER D 2 1.24 12.61 5.76
C SER D 2 1.11 11.16 5.31
N LEU D 3 2.26 10.49 5.15
CA LEU D 3 2.31 9.09 4.70
C LEU D 3 1.91 8.10 5.79
N ASP D 4 1.68 6.85 5.39
CA ASP D 4 1.26 5.78 6.30
C ASP D 4 2.41 5.29 7.18
N GLN D 5 2.06 4.79 8.37
CA GLN D 5 3.02 4.37 9.40
C GLN D 5 4.00 3.29 8.94
N GLU D 6 3.54 2.41 8.06
CA GLU D 6 4.31 1.23 7.67
C GLU D 6 5.60 1.54 6.89
N THR D 7 5.48 2.31 5.82
CA THR D 7 6.62 2.62 4.95
C THR D 7 7.60 3.62 5.56
N VAL D 8 7.09 4.54 6.39
CA VAL D 8 7.91 5.54 7.07
C VAL D 8 8.97 4.88 7.97
N GLY D 9 8.64 3.70 8.49
CA GLY D 9 9.59 2.91 9.29
C GLY D 9 10.74 2.34 8.49
N ASN D 10 10.54 2.20 7.17
CA ASN D 10 11.56 1.71 6.27
C ASN D 10 12.47 2.82 5.72
N VAL D 11 12.15 4.07 6.05
CA VAL D 11 12.91 5.23 5.57
C VAL D 11 13.43 6.14 6.69
N VAL D 12 13.01 5.86 7.92
CA VAL D 12 13.30 6.74 9.07
C VAL D 12 14.80 6.92 9.35
N LEU D 13 15.55 5.83 9.29
CA LEU D 13 17.00 5.87 9.52
C LEU D 13 17.73 6.57 8.38
N LEU D 14 17.16 6.48 7.18
CA LEU D 14 17.70 7.16 6.00
C LEU D 14 17.44 8.65 6.05
N ALA D 15 16.26 9.03 6.55
CA ALA D 15 15.89 10.43 6.70
C ALA D 15 16.71 11.14 7.76
N ILE D 16 17.06 10.43 8.82
CA ILE D 16 17.88 10.99 9.91
C ILE D 16 19.29 11.33 9.44
N VAL D 17 19.94 10.39 8.77
CA VAL D 17 21.29 10.61 8.22
C VAL D 17 21.30 11.70 7.13
N THR D 18 20.18 11.81 6.40
CA THR D 18 20.00 12.87 5.41
C THR D 18 19.90 14.24 6.10
N LEU D 19 19.12 14.31 7.17
CA LEU D 19 18.99 15.55 7.94
C LEU D 19 20.31 15.96 8.60
N ILE D 20 21.10 14.97 9.05
CA ILE D 20 22.43 15.21 9.60
C ILE D 20 23.34 15.78 8.51
N SER D 21 23.23 15.23 7.29
CA SER D 21 24.00 15.72 6.15
C SER D 21 23.62 17.17 5.77
N VAL D 22 22.34 17.51 5.97
CA VAL D 22 21.83 18.87 5.75
C VAL D 22 22.44 19.85 6.77
N VAL D 23 22.57 19.39 8.02
CA VAL D 23 23.22 20.17 9.08
C VAL D 23 24.72 20.36 8.75
N GLN D 24 25.34 19.31 8.23
CA GLN D 24 26.73 19.36 7.80
C GLN D 24 26.92 20.32 6.62
N ASN D 25 25.95 20.32 5.70
CA ASN D 25 25.93 21.25 4.58
C ASN D 25 25.74 22.70 5.00
N GLY D 26 24.96 22.89 6.07
CA GLY D 26 24.74 24.23 6.65
C GLY D 26 26.00 24.76 7.30
N PHE D 27 26.74 23.86 7.93
CA PHE D 27 28.01 24.17 8.58
C PHE D 27 29.07 24.56 7.54
N PHE D 28 29.14 23.78 6.46
CA PHE D 28 30.09 24.01 5.37
C PHE D 28 29.84 25.37 4.71
N ALA D 29 28.57 25.66 4.43
CA ALA D 29 28.18 26.91 3.79
C ALA D 29 28.37 28.12 4.72
N HIS D 30 28.25 27.87 6.03
CA HIS D 30 28.48 28.90 7.04
C HIS D 30 29.96 29.29 7.11
N LYS D 31 30.82 28.29 6.97
CA LYS D 31 32.27 28.49 7.01
C LYS D 31 32.75 29.28 5.80
N VAL D 32 32.14 29.01 4.65
CA VAL D 32 32.41 29.75 3.41
C VAL D 32 32.01 31.21 3.56
N GLU D 33 30.80 31.43 4.07
CA GLU D 33 30.27 32.77 4.29
C GLU D 33 31.09 33.57 5.29
N HIS D 34 31.55 32.89 6.35
CA HIS D 34 32.36 33.52 7.39
C HIS D 34 33.75 33.91 6.88
N GLU D 35 34.30 33.09 6.00
CA GLU D 35 35.61 33.37 5.42
C GLU D 35 35.50 34.44 4.32
N SER D 36 34.31 34.55 3.74
CA SER D 36 34.04 35.55 2.72
C SER D 36 33.94 36.96 3.29
N ARG D 37 33.38 37.09 4.49
CA ARG D 37 33.21 38.40 5.11
C ARG D 37 34.49 38.96 5.75
N THR D 38 35.51 38.11 5.89
CA THR D 38 36.84 38.57 6.32
C THR D 38 37.54 39.33 5.19
N GLN D 39 37.04 39.13 3.96
CA GLN D 39 37.57 39.80 2.78
C GLN D 39 37.00 41.22 2.66
N ASN D 40 36.00 41.52 3.49
CA ASN D 40 35.32 42.83 3.52
C ASN D 40 34.95 43.36 2.13
N SER D 43 30.78 42.48 -2.16
CA SER D 43 30.23 41.44 -3.04
C SER D 43 30.97 40.12 -2.88
N PHE D 44 30.24 39.02 -3.03
CA PHE D 44 30.82 37.68 -2.89
C PHE D 44 31.60 37.28 -4.14
N GLN D 45 32.82 36.81 -3.93
CA GLN D 45 33.67 36.34 -5.01
C GLN D 45 34.07 34.89 -4.80
N ARG D 46 34.39 34.21 -5.89
CA ARG D 46 34.78 32.80 -5.85
C ARG D 46 36.28 32.62 -5.59
N THR D 47 37.03 33.71 -5.74
CA THR D 47 38.45 33.74 -5.39
C THR D 47 38.71 34.73 -4.26
N GLY D 48 39.86 34.60 -3.60
CA GLY D 48 40.24 35.47 -2.50
C GLY D 48 41.58 35.08 -1.91
N THR D 49 41.73 35.26 -0.60
CA THR D 49 42.95 34.90 0.12
C THR D 49 43.15 33.39 0.18
N LEU D 50 44.34 32.97 0.60
CA LEU D 50 44.68 31.55 0.76
C LEU D 50 43.61 30.84 1.59
N ALA D 51 43.27 31.42 2.74
CA ALA D 51 42.29 30.86 3.67
C ALA D 51 40.92 30.66 3.04
N PHE D 52 40.42 31.69 2.34
CA PHE D 52 39.11 31.62 1.70
C PHE D 52 39.06 30.59 0.58
N GLU D 53 40.11 30.53 -0.23
CA GLU D 53 40.17 29.61 -1.35
C GLU D 53 40.27 28.15 -0.89
N ARG D 54 40.74 27.94 0.33
CA ARG D 54 40.75 26.63 0.97
C ARG D 54 39.34 26.23 1.40
N VAL D 55 38.61 27.15 2.02
CA VAL D 55 37.25 26.90 2.49
C VAL D 55 36.26 26.77 1.33
N TYR D 56 36.47 27.56 0.27
CA TYR D 56 35.59 27.52 -0.91
C TYR D 56 35.76 26.24 -1.72
N THR D 57 37.01 25.86 -1.99
CA THR D 57 37.31 24.67 -2.79
C THR D 57 36.89 23.38 -2.08
N ALA D 58 37.12 23.31 -0.77
CA ALA D 58 36.73 22.16 0.04
C ALA D 58 35.21 21.96 0.02
N ASN D 59 34.48 23.06 0.18
CA ASN D 59 33.02 23.04 0.09
C ASN D 59 32.53 22.70 -1.32
N GLN D 60 33.28 23.14 -2.33
CA GLN D 60 32.93 22.88 -3.73
C GLN D 60 33.01 21.39 -4.06
N ASN D 61 34.03 20.71 -3.54
CA ASN D 61 34.18 19.27 -3.72
C ASN D 61 33.06 18.48 -3.03
N CYS D 62 32.70 18.91 -1.82
CA CYS D 62 31.61 18.29 -1.07
C CYS D 62 30.27 18.49 -1.77
N VAL D 63 30.05 19.69 -2.30
CA VAL D 63 28.84 20.03 -3.05
C VAL D 63 28.72 19.19 -4.32
N ASP D 64 29.85 18.98 -5.00
CA ASP D 64 29.88 18.18 -6.22
C ASP D 64 29.53 16.71 -5.98
N ALA D 65 29.91 16.19 -4.82
CA ALA D 65 29.75 14.77 -4.51
C ALA D 65 28.41 14.43 -3.83
N TYR D 66 27.78 15.44 -3.24
CA TYR D 66 26.58 15.26 -2.43
C TYR D 66 25.39 14.59 -3.15
N PRO D 67 25.06 15.04 -4.39
CA PRO D 67 23.95 14.39 -5.09
C PRO D 67 24.23 12.90 -5.36
N THR D 68 25.47 12.57 -5.68
CA THR D 68 25.88 11.19 -5.88
C THR D 68 25.68 10.38 -4.59
N PHE D 69 26.13 10.96 -3.47
CA PHE D 69 25.98 10.33 -2.16
C PHE D 69 24.52 10.07 -1.80
N LEU D 70 23.69 11.09 -1.98
CA LEU D 70 22.28 11.01 -1.63
C LEU D 70 21.54 9.98 -2.46
N ALA D 71 21.93 9.86 -3.73
CA ALA D 71 21.34 8.89 -4.65
C ALA D 71 21.65 7.45 -4.27
N VAL D 72 22.92 7.18 -3.92
CA VAL D 72 23.33 5.83 -3.51
C VAL D 72 23.00 5.49 -2.05
N LEU D 73 22.73 6.51 -1.25
CA LEU D 73 22.27 6.31 0.13
C LEU D 73 20.86 5.76 0.15
N TRP D 74 19.97 6.40 -0.61
CA TRP D 74 18.57 5.98 -0.67
C TRP D 74 18.36 4.72 -1.51
N SER D 75 19.13 4.56 -2.59
CA SER D 75 19.07 3.35 -3.40
C SER D 75 19.42 2.10 -2.57
N ALA D 76 20.50 2.19 -1.81
CA ALA D 76 20.92 1.09 -0.94
C ALA D 76 19.90 0.84 0.17
N GLY D 77 19.34 1.92 0.72
CA GLY D 77 18.41 1.83 1.83
C GLY D 77 17.01 1.39 1.47
N LEU D 78 16.59 1.67 0.24
CA LEU D 78 15.25 1.32 -0.22
C LEU D 78 15.16 -0.02 -0.92
N LEU D 79 16.26 -0.42 -1.56
CA LEU D 79 16.27 -1.63 -2.40
C LEU D 79 16.94 -2.82 -1.71
N CYS D 80 17.89 -2.55 -0.83
CA CYS D 80 18.67 -3.59 -0.19
C CYS D 80 18.31 -3.78 1.28
N SER D 81 18.86 -2.91 2.13
CA SER D 81 18.61 -2.95 3.57
C SER D 81 18.89 -1.57 4.18
N GLN D 82 17.92 -1.07 4.95
CA GLN D 82 17.98 0.28 5.52
C GLN D 82 19.12 0.50 6.52
N VAL D 83 19.32 -0.46 7.43
CA VAL D 83 20.28 -0.32 8.53
C VAL D 83 21.74 -0.16 8.06
N PRO D 84 22.25 -1.09 7.22
CA PRO D 84 23.64 -0.96 6.76
C PRO D 84 23.86 0.26 5.85
N ALA D 85 22.81 0.67 5.13
CA ALA D 85 22.86 1.84 4.28
C ALA D 85 22.98 3.12 5.12
N ALA D 86 22.15 3.22 6.15
CA ALA D 86 22.14 4.36 7.05
C ALA D 86 23.48 4.49 7.81
N PHE D 87 24.06 3.34 8.15
CA PHE D 87 25.32 3.29 8.87
C PHE D 87 26.46 3.78 7.99
N ALA D 88 26.52 3.25 6.77
CA ALA D 88 27.52 3.65 5.78
C ALA D 88 27.36 5.13 5.41
N GLY D 89 26.13 5.62 5.52
CA GLY D 89 25.84 7.05 5.32
C GLY D 89 26.45 7.92 6.40
N LEU D 90 26.36 7.47 7.65
CA LEU D 90 26.97 8.17 8.78
C LEU D 90 28.49 8.21 8.68
N MET D 91 29.07 7.12 8.16
CA MET D 91 30.52 7.01 8.01
C MET D 91 31.06 7.94 6.93
N TYR D 92 30.28 8.14 5.87
CA TYR D 92 30.62 9.10 4.81
C TYR D 92 30.63 10.51 5.36
N LEU D 93 29.67 10.82 6.24
CA LEU D 93 29.57 12.13 6.88
C LEU D 93 30.74 12.39 7.83
N PHE D 94 31.24 11.34 8.46
CA PHE D 94 32.45 11.43 9.29
C PHE D 94 33.67 11.78 8.46
N VAL D 95 33.80 11.13 7.30
CA VAL D 95 34.91 11.37 6.37
C VAL D 95 34.82 12.77 5.76
N ARG D 96 33.61 13.20 5.41
CA ARG D 96 33.37 14.57 4.91
C ARG D 96 33.87 15.61 5.89
N GLN D 97 33.49 15.44 7.16
CA GLN D 97 33.89 16.35 8.24
C GLN D 97 35.40 16.37 8.41
N LYS D 98 36.03 15.20 8.35
CA LYS D 98 37.48 15.08 8.43
C LYS D 98 38.16 15.81 7.29
N TYR D 99 37.69 15.55 6.07
CA TYR D 99 38.25 16.15 4.86
C TYR D 99 38.16 17.67 4.88
N PHE D 100 36.97 18.19 5.18
CA PHE D 100 36.71 19.62 5.20
C PHE D 100 37.59 20.35 6.22
N VAL D 101 37.66 19.80 7.42
CA VAL D 101 38.52 20.33 8.50
C VAL D 101 40.00 20.20 8.12
N GLY D 102 40.36 19.07 7.51
CA GLY D 102 41.73 18.82 7.06
C GLY D 102 42.18 19.68 5.88
N TYR D 103 41.37 20.69 5.55
CA TYR D 103 41.69 21.66 4.50
C TYR D 103 41.69 23.09 5.01
N LEU D 104 41.06 23.32 6.17
CA LEU D 104 41.05 24.63 6.81
C LEU D 104 42.37 24.88 7.53
N GLY D 113 42.94 14.12 -1.73
CA GLY D 113 42.86 14.95 -2.94
C GLY D 113 41.47 15.51 -3.17
N TYR D 114 41.06 15.53 -4.44
CA TYR D 114 39.76 16.09 -4.84
C TYR D 114 38.56 15.21 -4.42
N ILE D 115 38.72 13.89 -4.53
CA ILE D 115 37.65 12.95 -4.18
C ILE D 115 37.94 12.26 -2.84
N PHE D 116 36.90 12.09 -2.04
CA PHE D 116 37.00 11.40 -0.76
C PHE D 116 35.86 10.38 -0.58
N GLY D 117 36.12 9.36 0.21
CA GLY D 117 35.12 8.33 0.55
C GLY D 117 34.59 7.54 -0.64
N LYS D 118 35.48 7.23 -1.58
CA LYS D 118 35.14 6.46 -2.77
C LYS D 118 34.65 5.05 -2.43
N ARG D 119 35.31 4.42 -1.46
CA ARG D 119 35.01 3.05 -1.06
C ARG D 119 33.63 2.91 -0.39
N ILE D 120 33.22 3.96 0.31
CA ILE D 120 31.89 4.02 0.93
C ILE D 120 30.81 4.19 -0.14
N ILE D 121 31.06 5.06 -1.12
CA ILE D 121 30.17 5.26 -2.26
C ILE D 121 30.03 3.95 -3.05
N LEU D 122 31.16 3.26 -3.25
CA LEU D 122 31.17 1.96 -3.89
C LEU D 122 30.33 0.94 -3.11
N PHE D 123 30.48 0.97 -1.78
CA PHE D 123 29.74 0.06 -0.91
C PHE D 123 28.23 0.29 -0.99
N LEU D 124 27.82 1.56 -0.99
CA LEU D 124 26.42 1.91 -1.16
C LEU D 124 25.92 1.55 -2.55
N PHE D 125 26.78 1.72 -3.56
CA PHE D 125 26.47 1.36 -4.94
C PHE D 125 26.22 -0.15 -5.07
N LEU D 126 27.12 -0.95 -4.51
CA LEU D 126 27.04 -2.41 -4.59
C LEU D 126 25.85 -2.99 -3.83
N MET D 127 25.46 -2.31 -2.75
CA MET D 127 24.26 -2.67 -2.00
C MET D 127 23.01 -2.51 -2.85
N SER D 128 22.94 -1.38 -3.55
CA SER D 128 21.82 -1.10 -4.46
C SER D 128 21.75 -2.13 -5.58
N VAL D 129 22.91 -2.46 -6.14
CA VAL D 129 23.02 -3.50 -7.18
C VAL D 129 22.50 -4.83 -6.65
N ALA D 130 22.92 -5.19 -5.44
CA ALA D 130 22.49 -6.44 -4.79
C ALA D 130 20.99 -6.45 -4.54
N GLY D 131 20.44 -5.30 -4.18
CA GLY D 131 18.99 -5.15 -3.96
C GLY D 131 18.18 -5.30 -5.22
N ILE D 132 18.72 -4.80 -6.34
CA ILE D 132 18.05 -4.92 -7.63
C ILE D 132 17.96 -6.38 -8.08
N PHE D 133 19.07 -7.11 -7.96
CA PHE D 133 19.09 -8.53 -8.29
C PHE D 133 18.16 -9.33 -7.38
N ASN D 134 18.08 -8.93 -6.11
CA ASN D 134 17.15 -9.52 -5.16
C ASN D 134 15.69 -9.31 -5.56
N TYR D 135 15.38 -8.10 -6.02
CA TYR D 135 14.04 -7.80 -6.52
C TYR D 135 13.66 -8.73 -7.68
N TYR D 136 14.56 -8.85 -8.65
CA TYR D 136 14.31 -9.65 -9.85
C TYR D 136 14.19 -11.15 -9.54
N LEU D 137 15.01 -11.64 -8.61
CA LEU D 137 14.93 -13.04 -8.19
C LEU D 137 13.59 -13.36 -7.53
N ILE D 138 13.09 -12.42 -6.72
CA ILE D 138 11.77 -12.56 -6.09
C ILE D 138 10.67 -12.43 -7.13
N PHE D 139 10.84 -11.49 -8.07
CA PHE D 139 9.86 -11.26 -9.13
C PHE D 139 9.69 -12.49 -10.02
N PHE D 140 10.81 -13.02 -10.51
CA PHE D 140 10.79 -14.18 -11.41
C PHE D 140 10.34 -15.46 -10.69
N PHE D 141 10.64 -15.55 -9.41
CA PHE D 141 10.13 -16.64 -8.56
C PHE D 141 8.61 -16.52 -8.42
N GLY D 142 8.13 -15.26 -8.34
CA GLY D 142 6.70 -14.97 -8.21
C GLY D 142 5.87 -15.42 -9.40
N SER D 143 6.33 -15.07 -10.60
CA SER D 143 5.66 -15.49 -11.83
C SER D 143 5.90 -16.96 -12.14
N ASP D 144 7.00 -17.50 -11.63
CA ASP D 144 7.33 -18.91 -11.75
C ASP D 144 6.30 -19.73 -10.97
N PHE D 145 6.06 -19.33 -9.72
CA PHE D 145 5.06 -19.93 -8.86
C PHE D 145 3.65 -19.78 -9.47
N GLU D 146 3.43 -18.64 -10.11
CA GLU D 146 2.16 -18.34 -10.77
C GLU D 146 1.88 -19.30 -11.93
N ASN D 147 2.90 -19.54 -12.76
CA ASN D 147 2.78 -20.49 -13.89
C ASN D 147 2.60 -21.92 -13.41
N TYR D 148 3.33 -22.28 -12.35
CA TYR D 148 3.26 -23.60 -11.73
C TYR D 148 1.84 -23.92 -11.26
N ILE D 149 1.17 -22.95 -10.63
CA ILE D 149 -0.21 -23.12 -10.18
C ILE D 149 -1.17 -23.17 -11.37
N ALA D 150 -0.92 -22.33 -12.38
CA ALA D 150 -1.74 -22.28 -13.59
C ALA D 150 -1.69 -23.57 -14.40
N THR D 151 -0.50 -24.18 -14.45
CA THR D 151 -0.31 -25.45 -15.14
C THR D 151 -1.02 -26.59 -14.40
N ILE D 152 -0.85 -26.64 -13.07
CA ILE D 152 -1.51 -27.65 -12.23
C ILE D 152 -3.03 -27.52 -12.32
N SER D 153 -3.54 -26.29 -12.24
CA SER D 153 -4.99 -26.03 -12.27
C SER D 153 -5.65 -26.57 -13.53
N THR D 154 -5.01 -26.36 -14.69
CA THR D 154 -5.52 -26.84 -15.96
C THR D 154 -5.46 -28.37 -16.01
N THR D 155 -4.35 -28.93 -15.51
CA THR D 155 -4.15 -30.37 -15.46
C THR D 155 -5.29 -31.09 -14.74
N ILE D 156 -5.60 -30.63 -13.52
CA ILE D 156 -6.58 -31.31 -12.67
C ILE D 156 -7.99 -30.73 -12.80
N SER D 157 -8.16 -29.80 -13.74
CA SER D 157 -9.45 -29.15 -13.96
C SER D 157 -10.63 -30.12 -14.20
N PRO D 158 -10.44 -31.15 -15.06
CA PRO D 158 -11.53 -32.12 -15.24
C PRO D 158 -11.74 -33.03 -14.03
N LEU D 159 -10.67 -33.28 -13.29
CA LEU D 159 -10.71 -34.19 -12.14
C LEU D 159 -11.73 -33.75 -11.07
N LEU D 160 -12.01 -32.46 -11.01
CA LEU D 160 -12.99 -31.94 -10.06
C LEU D 160 -14.40 -31.75 -10.68
N LEU D 161 -14.61 -32.40 -11.83
CA LEU D 161 -15.90 -32.42 -12.55
C LEU D 161 -16.48 -31.02 -12.78
N SER E 2 -13.73 3.04 -2.78
CA SER E 2 -12.80 3.63 -1.77
C SER E 2 -11.38 3.10 -1.89
N LEU E 3 -11.25 1.79 -2.18
CA LEU E 3 -9.94 1.15 -2.34
C LEU E 3 -9.24 1.55 -3.63
N ASP E 4 -7.90 1.52 -3.59
CA ASP E 4 -7.07 1.92 -4.73
C ASP E 4 -7.15 0.93 -5.90
N GLN E 5 -6.84 1.43 -7.09
CA GLN E 5 -6.96 0.69 -8.35
C GLN E 5 -6.15 -0.62 -8.39
N GLU E 6 -4.95 -0.58 -7.81
CA GLU E 6 -4.03 -1.72 -7.83
C GLU E 6 -4.56 -2.90 -7.00
N THR E 7 -5.11 -2.61 -5.83
CA THR E 7 -5.66 -3.64 -4.93
C THR E 7 -6.99 -4.19 -5.43
N VAL E 8 -7.84 -3.31 -5.98
CA VAL E 8 -9.12 -3.70 -6.58
C VAL E 8 -8.87 -4.61 -7.80
N GLY E 9 -7.75 -4.38 -8.49
CA GLY E 9 -7.34 -5.21 -9.62
C GLY E 9 -6.98 -6.64 -9.24
N ASN E 10 -6.65 -6.84 -7.97
CA ASN E 10 -6.30 -8.16 -7.45
C ASN E 10 -7.51 -8.92 -6.89
N VAL E 11 -8.68 -8.30 -6.93
CA VAL E 11 -9.91 -8.92 -6.40
C VAL E 11 -11.12 -8.88 -7.34
N VAL E 12 -10.94 -8.29 -8.54
CA VAL E 12 -12.06 -8.07 -9.46
C VAL E 12 -12.79 -9.37 -9.82
N LEU E 13 -12.01 -10.38 -10.19
CA LEU E 13 -12.56 -11.65 -10.67
C LEU E 13 -13.22 -12.43 -9.54
N LEU E 14 -12.68 -12.29 -8.34
CA LEU E 14 -13.27 -12.87 -7.13
C LEU E 14 -14.60 -12.18 -6.80
N ALA E 15 -14.64 -10.87 -7.00
CA ALA E 15 -15.85 -10.08 -6.76
C ALA E 15 -16.97 -10.47 -7.73
N ILE E 16 -16.63 -10.62 -9.00
CA ILE E 16 -17.59 -11.01 -10.04
C ILE E 16 -18.22 -12.37 -9.72
N VAL E 17 -17.37 -13.35 -9.46
CA VAL E 17 -17.82 -14.71 -9.08
C VAL E 17 -18.76 -14.64 -7.88
N THR E 18 -18.34 -13.94 -6.84
CA THR E 18 -19.17 -13.72 -5.65
C THR E 18 -20.53 -13.12 -6.02
N LEU E 19 -20.53 -12.13 -6.93
CA LEU E 19 -21.78 -11.49 -7.36
C LEU E 19 -22.69 -12.44 -8.12
N ILE E 20 -22.11 -13.30 -8.96
CA ILE E 20 -22.89 -14.31 -9.68
C ILE E 20 -23.49 -15.32 -8.68
N SER E 21 -22.71 -15.68 -7.66
CA SER E 21 -23.17 -16.57 -6.60
C SER E 21 -24.31 -15.94 -5.79
N VAL E 22 -24.27 -14.63 -5.63
CA VAL E 22 -25.34 -13.87 -4.98
C VAL E 22 -26.64 -13.94 -5.79
N VAL E 23 -26.53 -13.84 -7.11
CA VAL E 23 -27.67 -13.97 -8.02
C VAL E 23 -28.27 -15.37 -7.89
N GLN E 24 -27.39 -16.37 -7.83
CA GLN E 24 -27.80 -17.76 -7.67
C GLN E 24 -28.49 -18.00 -6.33
N ASN E 25 -27.98 -17.39 -5.26
CA ASN E 25 -28.63 -17.44 -3.95
C ASN E 25 -30.03 -16.85 -3.98
N GLY E 26 -30.18 -15.74 -4.72
CA GLY E 26 -31.46 -15.10 -4.93
C GLY E 26 -32.40 -15.97 -5.73
N PHE E 27 -31.85 -16.66 -6.72
CA PHE E 27 -32.61 -17.63 -7.52
C PHE E 27 -33.16 -18.75 -6.63
N PHE E 28 -32.28 -19.32 -5.81
CA PHE E 28 -32.65 -20.41 -4.92
C PHE E 28 -33.73 -19.96 -3.93
N ALA E 29 -33.55 -18.77 -3.35
CA ALA E 29 -34.50 -18.19 -2.41
C ALA E 29 -35.85 -17.88 -3.07
N HIS E 30 -35.79 -17.46 -4.34
CA HIS E 30 -37.00 -17.20 -5.12
C HIS E 30 -37.75 -18.49 -5.41
N LYS E 31 -36.98 -19.56 -5.66
CA LYS E 31 -37.54 -20.88 -5.93
C LYS E 31 -38.23 -21.45 -4.68
N VAL E 32 -37.74 -21.06 -3.51
CA VAL E 32 -38.33 -21.45 -2.23
C VAL E 32 -39.64 -20.69 -1.98
N GLU E 33 -39.61 -19.38 -2.17
CA GLU E 33 -40.76 -18.51 -1.89
C GLU E 33 -41.96 -18.83 -2.79
N HIS E 34 -41.69 -19.13 -4.07
CA HIS E 34 -42.72 -19.48 -5.03
C HIS E 34 -43.42 -20.79 -4.67
N GLU E 35 -42.66 -21.72 -4.10
CA GLU E 35 -43.19 -23.02 -3.69
C GLU E 35 -43.96 -22.96 -2.38
N SER E 36 -43.66 -21.94 -1.56
CA SER E 36 -44.33 -21.76 -0.27
C SER E 36 -45.69 -21.06 -0.40
N ARG E 37 -46.13 -20.85 -1.64
CA ARG E 37 -47.41 -20.21 -1.96
C ARG E 37 -47.53 -18.80 -1.38
N THR E 49 -46.35 -30.02 1.85
CA THR E 49 -46.20 -30.49 0.47
C THR E 49 -44.75 -30.91 0.20
N LEU E 50 -44.62 -32.02 -0.54
CA LEU E 50 -43.31 -32.60 -0.87
C LEU E 50 -42.47 -31.68 -1.76
N ALA E 51 -43.12 -30.96 -2.67
CA ALA E 51 -42.44 -30.02 -3.55
C ALA E 51 -41.75 -28.90 -2.77
N PHE E 52 -42.38 -28.46 -1.69
CA PHE E 52 -41.82 -27.43 -0.83
C PHE E 52 -40.66 -27.96 0.03
N GLU E 53 -40.80 -29.18 0.55
CA GLU E 53 -39.76 -29.80 1.37
C GLU E 53 -38.45 -29.98 0.62
N ARG E 54 -38.54 -30.38 -0.65
CA ARG E 54 -37.36 -30.62 -1.49
C ARG E 54 -36.62 -29.33 -1.84
N VAL E 55 -37.36 -28.29 -2.22
CA VAL E 55 -36.77 -26.99 -2.56
C VAL E 55 -36.14 -26.33 -1.33
N TYR E 56 -36.80 -26.46 -0.17
CA TYR E 56 -36.30 -25.94 1.10
C TYR E 56 -35.02 -26.64 1.54
N THR E 57 -34.99 -27.97 1.41
CA THR E 57 -33.83 -28.77 1.78
C THR E 57 -32.65 -28.50 0.85
N ALA E 58 -32.93 -28.35 -0.44
CA ALA E 58 -31.91 -28.05 -1.45
C ALA E 58 -31.25 -26.70 -1.18
N ASN E 59 -32.08 -25.70 -0.91
CA ASN E 59 -31.59 -24.37 -0.57
C ASN E 59 -30.82 -24.38 0.74
N GLN E 60 -31.38 -25.03 1.76
CA GLN E 60 -30.73 -25.14 3.06
C GLN E 60 -29.35 -25.78 2.96
N ASN E 61 -29.25 -26.88 2.21
CA ASN E 61 -27.98 -27.56 1.99
C ASN E 61 -26.95 -26.67 1.28
N CYS E 62 -27.43 -25.87 0.32
CA CYS E 62 -26.59 -24.91 -0.39
C CYS E 62 -26.12 -23.78 0.53
N VAL E 63 -27.08 -23.20 1.27
CA VAL E 63 -26.82 -22.13 2.23
C VAL E 63 -25.79 -22.54 3.29
N ASP E 64 -25.95 -23.76 3.81
CA ASP E 64 -25.04 -24.30 4.83
C ASP E 64 -23.58 -24.28 4.37
N ALA E 65 -23.36 -24.54 3.09
CA ALA E 65 -22.01 -24.68 2.54
C ALA E 65 -21.43 -23.37 2.01
N TYR E 66 -22.30 -22.40 1.77
CA TYR E 66 -21.93 -21.14 1.10
C TYR E 66 -20.79 -20.33 1.75
N PRO E 67 -20.84 -20.11 3.09
CA PRO E 67 -19.75 -19.34 3.69
C PRO E 67 -18.40 -20.06 3.67
N THR E 68 -18.42 -21.40 3.73
CA THR E 68 -17.20 -22.20 3.59
C THR E 68 -16.60 -22.02 2.18
N PHE E 69 -17.47 -22.03 1.17
CA PHE E 69 -17.06 -21.78 -0.22
C PHE E 69 -16.45 -20.38 -0.37
N LEU E 70 -17.15 -19.39 0.16
CA LEU E 70 -16.75 -18.00 0.04
C LEU E 70 -15.41 -17.76 0.75
N ALA E 71 -15.21 -18.47 1.86
CA ALA E 71 -13.96 -18.39 2.60
C ALA E 71 -12.76 -18.90 1.80
N VAL E 72 -12.89 -20.10 1.21
CA VAL E 72 -11.79 -20.68 0.43
C VAL E 72 -11.59 -20.03 -0.94
N LEU E 73 -12.66 -19.54 -1.53
CA LEU E 73 -12.58 -18.80 -2.78
C LEU E 73 -11.64 -17.60 -2.63
N TRP E 74 -11.95 -16.74 -1.65
CA TRP E 74 -11.16 -15.54 -1.41
C TRP E 74 -9.76 -15.84 -0.85
N SER E 75 -9.66 -16.83 0.04
CA SER E 75 -8.36 -17.25 0.55
C SER E 75 -7.43 -17.66 -0.60
N ALA E 76 -7.95 -18.52 -1.48
CA ALA E 76 -7.21 -18.95 -2.68
C ALA E 76 -6.83 -17.77 -3.58
N GLY E 77 -7.80 -16.89 -3.85
CA GLY E 77 -7.58 -15.74 -4.71
C GLY E 77 -6.56 -14.75 -4.18
N LEU E 78 -6.65 -14.47 -2.88
CA LEU E 78 -5.79 -13.49 -2.21
C LEU E 78 -4.39 -14.02 -1.93
N LEU E 79 -4.31 -15.28 -1.50
CA LEU E 79 -3.04 -15.84 -1.04
C LEU E 79 -2.25 -16.55 -2.14
N CYS E 80 -2.95 -17.10 -3.14
CA CYS E 80 -2.29 -17.88 -4.18
C CYS E 80 -2.30 -17.19 -5.54
N SER E 81 -3.42 -17.33 -6.26
CA SER E 81 -3.54 -16.77 -7.61
C SER E 81 -5.02 -16.56 -7.95
N GLN E 82 -5.35 -15.33 -8.35
CA GLN E 82 -6.74 -14.91 -8.54
C GLN E 82 -7.48 -15.65 -9.65
N VAL E 83 -6.86 -15.75 -10.83
CA VAL E 83 -7.50 -16.35 -12.01
C VAL E 83 -7.92 -17.82 -11.81
N PRO E 84 -6.99 -18.70 -11.36
CA PRO E 84 -7.41 -20.09 -11.14
C PRO E 84 -8.51 -20.22 -10.09
N ALA E 85 -8.45 -19.38 -9.05
CA ALA E 85 -9.43 -19.39 -7.97
C ALA E 85 -10.81 -19.00 -8.49
N ALA E 86 -10.86 -17.90 -9.24
CA ALA E 86 -12.11 -17.37 -9.79
C ALA E 86 -12.78 -18.37 -10.75
N PHE E 87 -11.96 -19.06 -11.55
CA PHE E 87 -12.48 -20.06 -12.48
C PHE E 87 -13.04 -21.26 -11.73
N ALA E 88 -12.33 -21.71 -10.70
CA ALA E 88 -12.79 -22.80 -9.84
C ALA E 88 -14.07 -22.45 -9.10
N GLY E 89 -14.18 -21.20 -8.64
CA GLY E 89 -15.40 -20.69 -8.03
C GLY E 89 -16.57 -20.71 -9.01
N LEU E 90 -16.28 -20.34 -10.27
CA LEU E 90 -17.26 -20.39 -11.35
C LEU E 90 -17.73 -21.82 -11.62
N MET E 91 -16.79 -22.78 -11.56
CA MET E 91 -17.12 -24.20 -11.70
C MET E 91 -18.01 -24.68 -10.55
N TYR E 92 -17.73 -24.18 -9.34
CA TYR E 92 -18.52 -24.51 -8.16
C TYR E 92 -19.98 -24.11 -8.33
N LEU E 93 -20.21 -22.98 -8.99
CA LEU E 93 -21.57 -22.48 -9.21
C LEU E 93 -22.37 -23.35 -10.19
N PHE E 94 -21.70 -23.84 -11.23
CA PHE E 94 -22.34 -24.76 -12.19
C PHE E 94 -22.76 -26.04 -11.50
N VAL E 95 -21.86 -26.59 -10.68
CA VAL E 95 -22.12 -27.81 -9.91
C VAL E 95 -23.28 -27.59 -8.94
N ARG E 96 -23.30 -26.39 -8.34
CA ARG E 96 -24.33 -25.98 -7.39
C ARG E 96 -25.69 -25.90 -8.05
N GLN E 97 -25.70 -25.51 -9.33
CA GLN E 97 -26.92 -25.43 -10.12
C GLN E 97 -27.49 -26.83 -10.40
N LYS E 98 -26.62 -27.75 -10.83
CA LYS E 98 -26.99 -29.15 -11.08
C LYS E 98 -27.50 -29.84 -9.82
N TYR E 99 -26.88 -29.47 -8.68
CA TYR E 99 -27.24 -30.01 -7.38
C TYR E 99 -28.64 -29.57 -6.94
N PHE E 100 -28.92 -28.28 -7.09
CA PHE E 100 -30.21 -27.70 -6.69
C PHE E 100 -31.36 -28.25 -7.52
N VAL E 101 -31.19 -28.27 -8.84
CA VAL E 101 -32.19 -28.78 -9.78
C VAL E 101 -32.36 -30.30 -9.60
N GLY E 102 -31.28 -30.97 -9.16
CA GLY E 102 -31.31 -32.40 -8.85
C GLY E 102 -32.29 -32.78 -7.75
N TYR E 103 -32.70 -31.80 -6.95
CA TYR E 103 -33.72 -31.98 -5.92
C TYR E 103 -35.12 -31.72 -6.47
N LEU E 104 -35.17 -31.12 -7.66
CA LEU E 104 -36.42 -30.71 -8.27
C LEU E 104 -36.83 -31.64 -9.40
N THR E 108 -40.02 -38.41 -8.95
CA THR E 108 -39.04 -39.42 -8.53
C THR E 108 -38.71 -39.31 -7.04
N GLN E 109 -38.14 -40.39 -6.51
CA GLN E 109 -37.85 -40.50 -5.08
C GLN E 109 -36.38 -40.25 -4.72
N SER E 110 -35.54 -40.04 -5.74
CA SER E 110 -34.10 -39.90 -5.56
C SER E 110 -33.60 -38.46 -5.70
N THR E 111 -32.73 -38.06 -4.79
CA THR E 111 -32.08 -36.75 -4.83
C THR E 111 -30.58 -36.92 -4.56
N PRO E 112 -29.76 -35.86 -4.80
CA PRO E 112 -28.35 -35.93 -4.37
C PRO E 112 -28.20 -35.89 -2.85
N GLY E 113 -27.00 -36.16 -2.36
CA GLY E 113 -26.71 -36.15 -0.93
C GLY E 113 -26.63 -34.75 -0.32
N TYR E 114 -25.97 -34.66 0.82
CA TYR E 114 -25.83 -33.38 1.54
C TYR E 114 -24.65 -32.54 1.03
N ILE E 115 -23.61 -33.22 0.56
CA ILE E 115 -22.38 -32.58 0.11
C ILE E 115 -22.33 -32.48 -1.41
N PHE E 116 -21.77 -31.37 -1.89
CA PHE E 116 -21.52 -31.16 -3.32
C PHE E 116 -20.27 -30.31 -3.51
N GLY E 117 -19.61 -30.48 -4.66
CA GLY E 117 -18.43 -29.70 -5.02
C GLY E 117 -17.30 -29.71 -4.02
N LYS E 118 -17.14 -30.81 -3.27
CA LYS E 118 -16.12 -30.91 -2.24
C LYS E 118 -14.69 -30.90 -2.79
N ARG E 119 -14.52 -31.39 -4.02
CA ARG E 119 -13.22 -31.42 -4.68
C ARG E 119 -12.77 -30.02 -5.09
N ILE E 120 -13.74 -29.18 -5.44
CA ILE E 120 -13.48 -27.77 -5.72
C ILE E 120 -13.05 -27.04 -4.45
N ILE E 121 -13.75 -27.30 -3.35
CA ILE E 121 -13.39 -26.76 -2.04
C ILE E 121 -11.98 -27.21 -1.66
N LEU E 122 -11.68 -28.49 -1.89
CA LEU E 122 -10.36 -29.04 -1.63
C LEU E 122 -9.28 -28.33 -2.46
N PHE E 123 -9.58 -28.12 -3.75
CA PHE E 123 -8.64 -27.44 -4.65
C PHE E 123 -8.38 -26.00 -4.22
N LEU E 124 -9.43 -25.28 -3.85
CA LEU E 124 -9.30 -23.92 -3.34
C LEU E 124 -8.59 -23.88 -1.99
N PHE E 125 -8.78 -24.94 -1.20
CA PHE E 125 -8.07 -25.12 0.07
C PHE E 125 -6.58 -25.29 -0.17
N LEU E 126 -6.24 -26.20 -1.10
CA LEU E 126 -4.85 -26.51 -1.40
C LEU E 126 -4.11 -25.32 -2.03
N MET E 127 -4.83 -24.54 -2.83
CA MET E 127 -4.31 -23.27 -3.34
C MET E 127 -3.89 -22.36 -2.19
N SER E 128 -4.78 -22.22 -1.20
CA SER E 128 -4.54 -21.36 -0.04
C SER E 128 -3.31 -21.80 0.75
N VAL E 129 -3.20 -23.11 0.99
CA VAL E 129 -2.03 -23.69 1.65
C VAL E 129 -0.76 -23.36 0.88
N ALA E 130 -0.79 -23.61 -0.43
CA ALA E 130 0.33 -23.31 -1.32
C ALA E 130 0.68 -21.82 -1.30
N GLY E 131 -0.34 -20.96 -1.23
CA GLY E 131 -0.16 -19.52 -1.15
C GLY E 131 0.46 -19.07 0.16
N ILE E 132 0.15 -19.78 1.24
CA ILE E 132 0.74 -19.52 2.55
C ILE E 132 2.20 -19.97 2.57
N PHE E 133 2.47 -21.16 2.02
CA PHE E 133 3.84 -21.68 1.92
C PHE E 133 4.72 -20.81 1.02
N ASN E 134 4.09 -20.17 0.03
CA ASN E 134 4.77 -19.22 -0.84
C ASN E 134 5.14 -17.95 -0.08
N TYR E 135 4.28 -17.52 0.84
CA TYR E 135 4.53 -16.38 1.69
C TYR E 135 5.75 -16.59 2.58
N TYR E 136 5.81 -17.75 3.25
CA TYR E 136 6.89 -18.06 4.18
C TYR E 136 8.22 -18.29 3.50
N LEU E 137 8.19 -18.72 2.24
CA LEU E 137 9.42 -18.89 1.45
C LEU E 137 10.10 -17.57 1.16
N ILE E 138 9.33 -16.61 0.67
CA ILE E 138 9.83 -15.27 0.34
C ILE E 138 10.26 -14.52 1.60
N PHE E 139 9.53 -14.72 2.69
CA PHE E 139 9.83 -14.07 3.97
C PHE E 139 11.17 -14.54 4.55
N PHE E 140 11.37 -15.85 4.59
CA PHE E 140 12.62 -16.43 5.09
C PHE E 140 13.80 -16.11 4.18
N PHE E 141 13.53 -16.05 2.88
CA PHE E 141 14.53 -15.63 1.90
C PHE E 141 14.87 -14.15 2.08
N GLY E 142 13.87 -13.36 2.48
CA GLY E 142 14.04 -11.95 2.77
C GLY E 142 14.87 -11.70 4.01
N SER E 143 14.72 -12.57 5.01
CA SER E 143 15.56 -12.51 6.20
C SER E 143 16.96 -13.06 5.93
N ASP E 144 17.04 -14.06 5.04
CA ASP E 144 18.31 -14.63 4.61
C ASP E 144 19.17 -13.61 3.86
N PHE E 145 18.51 -12.79 3.04
CA PHE E 145 19.18 -11.70 2.33
C PHE E 145 19.60 -10.61 3.31
N GLU E 146 18.70 -10.25 4.21
CA GLU E 146 18.94 -9.21 5.22
C GLU E 146 20.12 -9.60 6.13
N ASN E 147 20.17 -10.86 6.53
CA ASN E 147 21.27 -11.37 7.37
C ASN E 147 22.59 -11.49 6.61
N TYR E 148 22.49 -11.75 5.30
CA TYR E 148 23.66 -11.86 4.43
C TYR E 148 24.32 -10.49 4.21
N ILE E 149 23.50 -9.45 4.04
CA ILE E 149 23.99 -8.09 3.85
C ILE E 149 24.65 -7.56 5.12
N ALA E 150 24.03 -7.84 6.27
CA ALA E 150 24.55 -7.40 7.57
C ALA E 150 25.90 -8.04 7.92
N THR E 151 26.13 -9.27 7.45
CA THR E 151 27.39 -9.97 7.68
C THR E 151 28.54 -9.32 6.91
N ILE E 152 28.30 -9.03 5.63
CA ILE E 152 29.29 -8.36 4.78
C ILE E 152 29.53 -6.91 5.24
N SER E 153 28.46 -6.25 5.67
CA SER E 153 28.53 -4.86 6.13
C SER E 153 29.36 -4.73 7.41
N THR E 154 29.45 -5.81 8.18
CA THR E 154 30.29 -5.84 9.38
C THR E 154 31.72 -6.23 9.03
N THR E 155 31.87 -7.20 8.13
CA THR E 155 33.19 -7.68 7.70
C THR E 155 33.91 -6.61 6.88
N ILE E 156 33.30 -6.24 5.74
CA ILE E 156 33.81 -5.15 4.91
C ILE E 156 33.24 -3.84 5.45
N SER E 157 33.88 -3.32 6.50
CA SER E 157 33.41 -2.11 7.18
C SER E 157 34.51 -1.11 7.52
N PRO E 158 35.63 -1.57 8.13
CA PRO E 158 36.69 -0.62 8.51
C PRO E 158 37.51 -0.11 7.31
N LEU E 159 36.96 -0.26 6.11
CA LEU E 159 37.65 0.12 4.88
C LEU E 159 36.94 1.30 4.20
N SER F 2 -0.62 -12.75 -5.75
CA SER F 2 -1.02 -11.45 -6.36
C SER F 2 -0.79 -10.27 -5.40
N LEU F 3 -1.21 -10.44 -4.14
CA LEU F 3 -1.06 -9.43 -3.10
C LEU F 3 0.37 -9.32 -2.59
N ASP F 4 0.69 -8.17 -1.99
CA ASP F 4 2.04 -7.90 -1.47
C ASP F 4 2.38 -8.70 -0.22
N GLN F 5 3.67 -8.73 0.12
CA GLN F 5 4.18 -9.50 1.25
C GLN F 5 3.81 -8.90 2.61
N GLU F 6 3.58 -7.59 2.63
CA GLU F 6 3.34 -6.86 3.87
C GLU F 6 1.95 -7.14 4.45
N THR F 7 0.92 -6.98 3.63
CA THR F 7 -0.47 -7.15 4.06
C THR F 7 -0.86 -8.62 4.29
N VAL F 8 -0.16 -9.55 3.62
CA VAL F 8 -0.38 -10.98 3.82
C VAL F 8 0.16 -11.42 5.18
N GLY F 9 1.16 -10.70 5.68
CA GLY F 9 1.68 -10.92 7.03
C GLY F 9 0.72 -10.47 8.13
N ASN F 10 -0.25 -9.66 7.75
CA ASN F 10 -1.28 -9.18 8.67
C ASN F 10 -2.50 -10.10 8.74
N VAL F 11 -2.56 -11.08 7.84
CA VAL F 11 -3.71 -11.97 7.72
C VAL F 11 -3.37 -13.46 7.84
N VAL F 12 -2.08 -13.79 7.70
CA VAL F 12 -1.62 -15.18 7.58
C VAL F 12 -2.10 -16.10 8.72
N LEU F 13 -2.00 -15.63 9.96
CA LEU F 13 -2.46 -16.40 11.12
C LEU F 13 -3.98 -16.56 11.14
N LEU F 14 -4.68 -15.52 10.73
CA LEU F 14 -6.14 -15.56 10.60
C LEU F 14 -6.54 -16.52 9.47
N ALA F 15 -5.77 -16.50 8.39
CA ALA F 15 -6.01 -17.37 7.25
C ALA F 15 -5.83 -18.85 7.61
N ILE F 16 -4.81 -19.14 8.41
CA ILE F 16 -4.56 -20.52 8.87
C ILE F 16 -5.72 -21.03 9.71
N VAL F 17 -6.18 -20.22 10.66
CA VAL F 17 -7.30 -20.59 11.53
C VAL F 17 -8.62 -20.70 10.73
N THR F 18 -8.77 -19.86 9.71
CA THR F 18 -9.90 -19.95 8.80
C THR F 18 -9.87 -21.27 8.03
N LEU F 19 -8.68 -21.65 7.56
CA LEU F 19 -8.52 -22.90 6.83
C LEU F 19 -8.76 -24.13 7.70
N ILE F 20 -8.39 -24.04 8.98
CA ILE F 20 -8.69 -25.11 9.93
C ILE F 20 -10.21 -25.25 10.14
N SER F 21 -10.90 -24.12 10.27
CA SER F 21 -12.36 -24.12 10.43
C SER F 21 -13.07 -24.72 9.22
N VAL F 22 -12.48 -24.53 8.03
CA VAL F 22 -12.97 -25.13 6.79
C VAL F 22 -12.87 -26.66 6.82
N VAL F 23 -11.72 -27.16 7.28
CA VAL F 23 -11.53 -28.60 7.49
C VAL F 23 -12.57 -29.12 8.48
N GLN F 24 -12.79 -28.36 9.56
CA GLN F 24 -13.77 -28.70 10.58
C GLN F 24 -15.21 -28.73 10.04
N ASN F 25 -15.56 -27.73 9.23
CA ASN F 25 -16.86 -27.66 8.56
C ASN F 25 -17.12 -28.88 7.68
N GLY F 26 -16.10 -29.25 6.89
CA GLY F 26 -16.15 -30.43 6.04
C GLY F 26 -16.28 -31.72 6.83
N PHE F 27 -15.64 -31.77 7.99
CA PHE F 27 -15.76 -32.91 8.90
C PHE F 27 -17.18 -33.03 9.43
N PHE F 28 -17.78 -31.89 9.80
CA PHE F 28 -19.16 -31.86 10.26
C PHE F 28 -20.11 -32.31 9.16
N ALA F 29 -19.88 -31.81 7.94
CA ALA F 29 -20.67 -32.19 6.77
C ALA F 29 -20.50 -33.67 6.42
N HIS F 30 -19.28 -34.18 6.61
CA HIS F 30 -18.97 -35.60 6.40
C HIS F 30 -19.79 -36.48 7.36
N LYS F 31 -19.86 -36.06 8.62
CA LYS F 31 -20.59 -36.79 9.65
C LYS F 31 -22.09 -36.85 9.36
N VAL F 32 -22.64 -35.74 8.87
CA VAL F 32 -24.06 -35.66 8.48
C VAL F 32 -24.36 -36.62 7.32
N GLU F 33 -23.55 -36.54 6.28
CA GLU F 33 -23.71 -37.37 5.08
C GLU F 33 -23.59 -38.86 5.40
N HIS F 34 -22.62 -39.22 6.24
CA HIS F 34 -22.41 -40.59 6.69
C HIS F 34 -23.63 -41.10 7.45
N GLU F 35 -24.16 -40.27 8.33
CA GLU F 35 -25.34 -40.60 9.12
C GLU F 35 -26.59 -40.63 8.27
N SER F 36 -26.58 -39.90 7.16
CA SER F 36 -27.69 -39.91 6.21
C SER F 36 -27.76 -41.23 5.44
N ARG F 37 -26.60 -41.78 5.08
CA ARG F 37 -26.56 -43.05 4.36
C ARG F 37 -26.66 -44.30 5.24
N THR F 38 -26.77 -44.11 6.56
CA THR F 38 -27.15 -45.20 7.47
C THR F 38 -28.61 -45.55 7.23
N GLN F 39 -29.41 -44.53 6.90
CA GLN F 39 -30.72 -44.73 6.31
C GLN F 39 -30.53 -45.09 4.84
N ASN F 40 -31.42 -45.91 4.31
CA ASN F 40 -31.32 -46.34 2.92
C ASN F 40 -32.48 -45.83 2.07
N ARG F 42 -32.60 -43.04 -0.20
CA ARG F 42 -32.57 -42.81 -1.63
C ARG F 42 -32.46 -41.30 -1.93
N SER F 43 -33.18 -40.50 -1.14
CA SER F 43 -33.08 -39.05 -1.19
C SER F 43 -32.53 -38.52 0.13
N PHE F 44 -32.09 -37.26 0.14
CA PHE F 44 -31.67 -36.62 1.39
C PHE F 44 -32.85 -35.91 2.06
N GLN F 45 -33.03 -36.22 3.34
CA GLN F 45 -34.09 -35.62 4.16
C GLN F 45 -33.45 -34.99 5.39
N ARG F 46 -34.12 -33.99 5.96
CA ARG F 46 -33.63 -33.33 7.17
C ARG F 46 -34.19 -33.94 8.47
N THR F 47 -35.08 -34.92 8.32
CA THR F 47 -35.56 -35.72 9.45
C THR F 47 -35.11 -37.17 9.26
N GLY F 48 -35.12 -37.95 10.35
CA GLY F 48 -34.72 -39.36 10.30
C GLY F 48 -34.61 -39.98 11.68
N THR F 49 -33.68 -40.94 11.79
CA THR F 49 -33.40 -41.61 13.06
C THR F 49 -32.84 -40.61 14.08
N LEU F 50 -32.93 -40.97 15.36
CA LEU F 50 -32.44 -40.13 16.46
C LEU F 50 -30.96 -39.75 16.28
N ALA F 51 -30.17 -40.70 15.78
CA ALA F 51 -28.75 -40.48 15.50
C ALA F 51 -28.53 -39.41 14.42
N PHE F 52 -29.30 -39.49 13.34
CA PHE F 52 -29.19 -38.52 12.25
C PHE F 52 -29.63 -37.12 12.67
N GLU F 53 -30.77 -37.04 13.35
CA GLU F 53 -31.34 -35.76 13.77
C GLU F 53 -30.44 -34.99 14.72
N ARG F 54 -29.67 -35.73 15.53
CA ARG F 54 -28.72 -35.11 16.45
C ARG F 54 -27.49 -34.54 15.74
N VAL F 55 -26.99 -35.25 14.72
CA VAL F 55 -25.85 -34.79 13.93
C VAL F 55 -26.27 -33.64 13.01
N TYR F 56 -27.43 -33.76 12.37
CA TYR F 56 -27.95 -32.71 11.49
C TYR F 56 -28.20 -31.39 12.23
N THR F 57 -28.86 -31.47 13.38
CA THR F 57 -29.16 -30.28 14.18
C THR F 57 -27.89 -29.66 14.78
N ALA F 58 -26.97 -30.51 15.25
CA ALA F 58 -25.67 -30.05 15.75
C ALA F 58 -24.93 -29.28 14.68
N ASN F 59 -24.89 -29.86 13.47
CA ASN F 59 -24.32 -29.20 12.31
C ASN F 59 -25.02 -27.87 12.01
N GLN F 60 -26.35 -27.90 12.05
CA GLN F 60 -27.17 -26.72 11.76
C GLN F 60 -26.83 -25.57 12.69
N ASN F 61 -26.65 -25.87 13.97
CA ASN F 61 -26.23 -24.88 14.96
C ASN F 61 -24.83 -24.31 14.69
N CYS F 62 -23.88 -25.20 14.39
CA CYS F 62 -22.51 -24.83 14.03
C CYS F 62 -22.45 -23.96 12.77
N VAL F 63 -23.31 -24.28 11.80
CA VAL F 63 -23.41 -23.55 10.55
C VAL F 63 -24.05 -22.18 10.76
N ASP F 64 -25.10 -22.14 11.58
CA ASP F 64 -25.81 -20.90 11.90
C ASP F 64 -24.93 -19.84 12.58
N ALA F 65 -23.87 -20.30 13.26
CA ALA F 65 -22.97 -19.40 13.98
C ALA F 65 -21.66 -19.13 13.25
N TYR F 66 -21.45 -19.76 12.10
CA TYR F 66 -20.18 -19.65 11.39
C TYR F 66 -19.88 -18.27 10.79
N PRO F 67 -20.84 -17.67 10.05
CA PRO F 67 -20.58 -16.34 9.48
C PRO F 67 -20.25 -15.29 10.56
N THR F 68 -21.01 -15.31 11.65
CA THR F 68 -20.80 -14.42 12.79
C THR F 68 -19.38 -14.58 13.35
N PHE F 69 -18.97 -15.82 13.61
CA PHE F 69 -17.62 -16.10 14.08
C PHE F 69 -16.57 -15.59 13.09
N LEU F 70 -16.81 -15.85 11.81
CA LEU F 70 -15.89 -15.43 10.75
C LEU F 70 -15.78 -13.91 10.72
N ALA F 71 -16.91 -13.24 10.90
CA ALA F 71 -16.97 -11.78 10.93
C ALA F 71 -16.15 -11.19 12.09
N VAL F 72 -16.39 -11.66 13.31
CA VAL F 72 -15.69 -11.12 14.49
C VAL F 72 -14.21 -11.48 14.52
N LEU F 73 -13.87 -12.67 14.02
CA LEU F 73 -12.48 -13.13 13.95
C LEU F 73 -11.63 -12.17 13.11
N TRP F 74 -12.08 -11.94 11.89
CA TRP F 74 -11.37 -11.05 10.97
C TRP F 74 -11.46 -9.60 11.40
N SER F 75 -12.58 -9.21 12.01
CA SER F 75 -12.73 -7.87 12.58
C SER F 75 -11.71 -7.62 13.69
N ALA F 76 -11.57 -8.60 14.59
CA ALA F 76 -10.61 -8.50 15.69
C ALA F 76 -9.18 -8.57 15.19
N GLY F 77 -8.94 -9.41 14.19
CA GLY F 77 -7.60 -9.63 13.67
C GLY F 77 -7.02 -8.47 12.89
N LEU F 78 -7.89 -7.75 12.17
CA LEU F 78 -7.46 -6.66 11.30
C LEU F 78 -7.46 -5.30 11.98
N LEU F 79 -8.51 -5.02 12.76
CA LEU F 79 -8.70 -3.71 13.38
C LEU F 79 -7.93 -3.58 14.69
N CYS F 80 -7.82 -4.66 15.44
CA CYS F 80 -7.18 -4.64 16.75
C CYS F 80 -5.77 -5.23 16.71
N SER F 81 -5.68 -6.55 16.82
CA SER F 81 -4.40 -7.27 16.82
C SER F 81 -4.62 -8.70 16.32
N GLN F 82 -3.72 -9.16 15.46
CA GLN F 82 -3.87 -10.47 14.79
C GLN F 82 -3.68 -11.68 15.70
N VAL F 83 -2.57 -11.71 16.44
CA VAL F 83 -2.18 -12.87 17.25
C VAL F 83 -3.20 -13.28 18.33
N PRO F 84 -3.69 -12.32 19.14
CA PRO F 84 -4.70 -12.69 20.14
C PRO F 84 -5.99 -13.20 19.50
N ALA F 85 -6.42 -12.53 18.43
CA ALA F 85 -7.64 -12.87 17.70
C ALA F 85 -7.58 -14.28 17.11
N ALA F 86 -6.42 -14.65 16.58
CA ALA F 86 -6.19 -15.97 16.01
C ALA F 86 -6.18 -17.07 17.08
N PHE F 87 -5.66 -16.73 18.27
CA PHE F 87 -5.63 -17.66 19.38
C PHE F 87 -7.03 -17.93 19.93
N ALA F 88 -7.81 -16.86 20.07
CA ALA F 88 -9.21 -16.97 20.48
C ALA F 88 -10.01 -17.69 19.40
N GLY F 89 -9.59 -17.48 18.14
CA GLY F 89 -10.17 -18.18 16.99
C GLY F 89 -9.97 -19.68 17.07
N LEU F 90 -8.77 -20.10 17.45
CA LEU F 90 -8.45 -21.51 17.66
C LEU F 90 -9.27 -22.10 18.82
N MET F 91 -9.43 -21.32 19.89
CA MET F 91 -10.22 -21.71 21.05
C MET F 91 -11.67 -22.00 20.67
N TYR F 92 -12.25 -21.15 19.83
CA TYR F 92 -13.61 -21.33 19.31
C TYR F 92 -13.75 -22.65 18.55
N LEU F 93 -12.71 -23.01 17.79
CA LEU F 93 -12.69 -24.26 17.04
C LEU F 93 -12.67 -25.48 17.95
N PHE F 94 -11.90 -25.40 19.03
CA PHE F 94 -11.85 -26.48 20.02
C PHE F 94 -13.17 -26.64 20.78
N VAL F 95 -13.84 -25.52 21.03
CA VAL F 95 -15.16 -25.53 21.67
C VAL F 95 -16.20 -26.15 20.72
N ARG F 96 -16.16 -25.78 19.44
CA ARG F 96 -17.03 -26.36 18.42
C ARG F 96 -16.89 -27.87 18.35
N GLN F 97 -15.64 -28.33 18.36
CA GLN F 97 -15.34 -29.75 18.25
C GLN F 97 -15.95 -30.54 19.40
N LYS F 98 -15.79 -30.02 20.62
CA LYS F 98 -16.33 -30.66 21.81
C LYS F 98 -17.85 -30.52 21.90
N TYR F 99 -18.37 -29.43 21.33
CA TYR F 99 -19.82 -29.21 21.24
C TYR F 99 -20.47 -30.19 20.26
N PHE F 100 -19.84 -30.38 19.11
CA PHE F 100 -20.36 -31.24 18.05
C PHE F 100 -20.37 -32.71 18.47
N VAL F 101 -19.28 -33.16 19.10
CA VAL F 101 -19.17 -34.52 19.64
C VAL F 101 -20.07 -34.67 20.88
N GLY F 102 -20.32 -33.56 21.57
CA GLY F 102 -21.20 -33.52 22.72
C GLY F 102 -22.65 -33.82 22.42
N TYR F 103 -23.05 -33.59 21.17
CA TYR F 103 -24.39 -33.94 20.70
C TYR F 103 -24.54 -35.43 20.41
N LEU F 104 -23.42 -36.10 20.12
CA LEU F 104 -23.42 -37.54 19.89
C LEU F 104 -23.59 -38.28 21.22
N GLY F 105 -24.82 -38.69 21.50
CA GLY F 105 -25.15 -39.38 22.74
C GLY F 105 -24.67 -40.82 22.77
N THR F 111 -28.06 -33.31 25.90
CA THR F 111 -27.57 -32.55 24.75
C THR F 111 -27.34 -31.08 25.10
N PRO F 112 -26.21 -30.50 24.63
CA PRO F 112 -25.90 -29.08 24.82
C PRO F 112 -26.92 -28.15 24.13
N GLY F 113 -26.88 -26.87 24.47
CA GLY F 113 -27.84 -25.89 23.96
C GLY F 113 -27.67 -25.51 22.50
N TYR F 114 -28.45 -24.51 22.08
CA TYR F 114 -28.39 -24.00 20.71
C TYR F 114 -27.12 -23.18 20.46
N ILE F 115 -26.70 -22.42 21.47
CA ILE F 115 -25.54 -21.53 21.34
C ILE F 115 -24.33 -22.06 22.10
N PHE F 116 -23.15 -21.90 21.51
CA PHE F 116 -21.88 -22.27 22.13
C PHE F 116 -20.82 -21.20 21.88
N GLY F 117 -19.86 -21.09 22.79
CA GLY F 117 -18.77 -20.13 22.68
C GLY F 117 -19.19 -18.67 22.60
N LYS F 118 -20.20 -18.31 23.39
CA LYS F 118 -20.70 -16.93 23.48
C LYS F 118 -19.60 -15.96 23.88
N ARG F 119 -18.84 -16.34 24.90
CA ARG F 119 -17.78 -15.49 25.47
C ARG F 119 -16.63 -15.24 24.51
N ILE F 120 -16.33 -16.24 23.67
CA ILE F 120 -15.29 -16.11 22.65
C ILE F 120 -15.72 -15.14 21.55
N ILE F 121 -16.99 -15.24 21.15
CA ILE F 121 -17.59 -14.27 20.23
C ILE F 121 -17.55 -12.88 20.85
N LEU F 122 -17.89 -12.79 22.13
CA LEU F 122 -17.88 -11.54 22.89
C LEU F 122 -16.49 -10.92 22.96
N PHE F 123 -15.48 -11.75 23.23
CA PHE F 123 -14.10 -11.29 23.32
C PHE F 123 -13.58 -10.75 21.99
N LEU F 124 -13.85 -11.48 20.90
CA LEU F 124 -13.47 -11.04 19.55
C LEU F 124 -14.21 -9.77 19.15
N PHE F 125 -15.47 -9.67 19.57
CA PHE F 125 -16.29 -8.48 19.35
C PHE F 125 -15.72 -7.26 20.09
N LEU F 126 -15.29 -7.47 21.34
CA LEU F 126 -14.73 -6.40 22.16
C LEU F 126 -13.43 -5.85 21.58
N MET F 127 -12.58 -6.76 21.09
CA MET F 127 -11.32 -6.40 20.43
C MET F 127 -11.55 -5.47 19.25
N SER F 128 -12.58 -5.78 18.44
CA SER F 128 -12.92 -4.99 17.27
C SER F 128 -13.41 -3.59 17.65
N VAL F 129 -14.15 -3.51 18.76
CA VAL F 129 -14.58 -2.22 19.32
C VAL F 129 -13.37 -1.42 19.77
N ALA F 130 -12.44 -2.08 20.46
CA ALA F 130 -11.19 -1.46 20.90
C ALA F 130 -10.33 -1.03 19.71
N GLY F 131 -10.32 -1.84 18.65
CA GLY F 131 -9.57 -1.56 17.44
C GLY F 131 -10.11 -0.35 16.68
N ILE F 132 -11.43 -0.23 16.62
CA ILE F 132 -12.08 0.90 15.97
C ILE F 132 -11.83 2.19 16.75
N PHE F 133 -11.89 2.11 18.08
CA PHE F 133 -11.58 3.24 18.94
C PHE F 133 -10.10 3.65 18.84
N ASN F 134 -9.24 2.64 18.72
CA ASN F 134 -7.81 2.87 18.51
C ASN F 134 -7.52 3.51 17.14
N TYR F 135 -8.34 3.17 16.15
CA TYR F 135 -8.24 3.78 14.82
C TYR F 135 -8.57 5.28 14.88
N TYR F 136 -9.70 5.60 15.52
CA TYR F 136 -10.15 6.99 15.61
C TYR F 136 -9.22 7.86 16.45
N LEU F 137 -8.68 7.29 17.52
CA LEU F 137 -7.71 7.99 18.36
C LEU F 137 -6.46 8.42 17.60
N ILE F 138 -5.98 7.54 16.71
CA ILE F 138 -4.82 7.82 15.88
C ILE F 138 -5.18 8.80 14.74
N PHE F 139 -6.41 8.70 14.24
CA PHE F 139 -6.88 9.59 13.19
C PHE F 139 -7.02 11.03 13.67
N PHE F 140 -7.69 11.21 14.82
CA PHE F 140 -7.87 12.53 15.41
C PHE F 140 -6.56 13.15 15.88
N PHE F 141 -5.64 12.32 16.35
CA PHE F 141 -4.29 12.76 16.71
C PHE F 141 -3.51 13.20 15.48
N GLY F 142 -3.77 12.55 14.35
CA GLY F 142 -3.16 12.91 13.07
C GLY F 142 -3.68 14.22 12.51
N SER F 143 -4.97 14.47 12.72
CA SER F 143 -5.61 15.71 12.27
C SER F 143 -5.31 16.88 13.21
N ASP F 144 -5.02 16.57 14.47
CA ASP F 144 -4.61 17.59 15.44
C ASP F 144 -3.16 18.00 15.22
N PHE F 145 -2.32 17.03 14.84
CA PHE F 145 -0.93 17.29 14.49
C PHE F 145 -0.84 18.11 13.20
N GLU F 146 -1.72 17.79 12.25
CA GLU F 146 -1.78 18.49 10.96
C GLU F 146 -2.24 19.95 11.14
N ASN F 147 -3.27 20.16 11.96
CA ASN F 147 -3.75 21.50 12.29
C ASN F 147 -2.76 22.32 13.11
N TYR F 148 -2.01 21.62 13.97
CA TYR F 148 -0.99 22.23 14.82
C TYR F 148 0.18 22.77 14.00
N ILE F 149 0.64 21.98 13.03
CA ILE F 149 1.72 22.38 12.13
C ILE F 149 1.27 23.50 11.18
N ALA F 150 0.02 23.42 10.73
CA ALA F 150 -0.55 24.44 9.84
C ALA F 150 -0.70 25.80 10.52
N THR F 151 -1.02 25.79 11.81
CA THR F 151 -1.18 27.01 12.59
C THR F 151 0.18 27.68 12.83
N ILE F 152 1.18 26.88 13.17
CA ILE F 152 2.56 27.35 13.35
C ILE F 152 3.14 27.93 12.07
N SER F 153 2.85 27.27 10.94
CA SER F 153 3.36 27.68 9.63
C SER F 153 2.86 29.05 9.19
N THR F 154 1.59 29.34 9.46
CA THR F 154 1.00 30.64 9.14
C THR F 154 1.49 31.72 10.09
N THR F 155 1.77 31.33 11.33
CA THR F 155 2.26 32.25 12.37
C THR F 155 3.72 32.64 12.12
N ILE F 156 4.54 31.65 11.79
CA ILE F 156 5.98 31.86 11.57
C ILE F 156 6.29 32.25 10.11
N SER F 157 5.22 32.40 9.31
CA SER F 157 5.32 32.70 7.87
C SER F 157 6.15 33.95 7.50
N PRO F 158 5.80 35.13 8.06
CA PRO F 158 6.53 36.35 7.70
C PRO F 158 7.95 36.40 8.24
N LEU F 159 8.21 35.67 9.33
CA LEU F 159 9.53 35.58 9.94
C LEU F 159 10.55 34.89 9.04
N LEU F 160 10.06 34.18 8.04
CA LEU F 160 10.92 33.52 7.04
C LEU F 160 11.37 34.50 5.96
N LEU F 161 10.79 35.70 5.98
CA LEU F 161 11.10 36.76 5.02
C LEU F 161 11.59 38.02 5.72
C7 QY7 G . -23.20 -14.39 20.50
C6 QY7 G . -27.39 -10.14 22.36
C1 QY7 G . -25.23 -15.72 20.48
C5 QY7 G . -28.84 -10.49 24.26
C4 QY7 G . -25.71 -15.07 21.63
C3 QY7 G . -26.69 -11.31 22.69
C2 QY7 G . -28.14 -11.65 24.59
C8 QY7 G . -23.66 -13.71 21.65
C9 QY7 G . -27.07 -12.05 23.80
C10 QY7 G . -23.99 -15.39 19.94
C11 QY7 G . -24.91 -14.07 22.18
C12 QY7 G . -23.13 -12.68 22.47
C13 QY7 G . -28.46 -9.73 23.15
C14 QY7 G . -24.05 -12.43 23.46
C15 QY7 G . -24.19 -12.65 26.83
C16 QY7 G . -23.91 -15.38 17.42
C17 QY7 G . -23.97 -17.58 18.67
C18 QY7 G . -21.99 -12.74 25.53
C19 QY7 G . -22.73 -10.64 26.60
C20 QY7 G . -22.79 -11.03 19.95
C21 QY7 G . -23.18 -9.67 22.01
C22 QY7 G . -20.94 -9.60 20.88
C23 QY7 G . -26.29 -13.30 24.13
C24 QY7 G . -24.01 -11.44 24.60
C25 QY7 G . -23.51 -16.11 18.72
C26 QY7 G . -23.24 -11.91 25.87
C27 QY7 G . -22.15 -10.48 21.22
N28 QY7 G . -25.11 -13.28 23.29
O29 QY7 G . -25.15 -12.13 27.38
O30 QY7 G . -23.87 -13.96 27.04
S31 QY7 G . -21.61 -11.86 22.25
CL1 QY7 G . -29.33 -8.30 22.74
S SO4 H . -38.43 -6.41 -0.35
O1 SO4 H . -38.20 -7.42 0.68
O2 SO4 H . -39.50 -5.52 0.08
O3 SO4 H . -38.82 -7.06 -1.60
O4 SO4 H . -37.22 -5.63 -0.56
C7 QY7 I . 16.98 23.11 -18.80
C6 QY7 I . 14.26 28.46 -19.01
C1 QY7 I . 18.90 24.59 -18.76
C5 QY7 I . 14.49 30.12 -20.75
C4 QY7 I . 18.29 25.46 -19.68
C3 QY7 I . 15.08 27.61 -19.73
C2 QY7 I . 15.31 29.26 -21.48
C8 QY7 I . 16.35 23.97 -19.71
C9 QY7 I . 15.61 28.00 -20.97
C10 QY7 I . 18.26 23.44 -18.33
C11 QY7 I . 17.02 25.12 -20.13
C12 QY7 I . 15.09 23.95 -20.39
C13 QY7 I . 13.96 29.73 -19.52
C14 QY7 I . 15.03 25.08 -21.18
C15 QY7 I . 14.88 26.09 -24.38
C16 QY7 I . 19.05 23.18 -15.96
C17 QY7 I . 20.31 22.07 -17.84
C18 QY7 I . 14.56 23.64 -23.73
C19 QY7 I . 12.61 25.09 -24.20
C20 QY7 I . 13.46 23.58 -17.65
C21 QY7 I . 12.45 24.97 -19.49
C22 QY7 I . 11.45 22.74 -18.93
C23 QY7 I . 16.48 27.02 -21.68
C24 QY7 I . 13.92 25.55 -22.09
C25 QY7 I . 18.93 22.53 -17.35
C26 QY7 I . 14.03 25.09 -23.58
C27 QY7 I . 12.76 23.54 -19.02
N28 QY7 I . 16.19 25.77 -21.03
O29 QY7 I . 14.56 27.27 -24.53
O30 QY7 I . 16.01 25.58 -24.92
S31 QY7 I . 13.83 22.76 -20.24
CL1 QY7 I . 12.94 30.78 -18.62
C7 QY7 J . 32.86 7.61 -6.71
C6 QY7 J . 34.70 5.38 -12.29
C1 QY7 J . 34.25 9.42 -7.56
C5 QY7 J . 37.01 4.92 -12.82
C4 QY7 J . 35.14 8.50 -8.13
C3 QY7 J . 35.06 5.71 -10.99
C2 QY7 J . 37.37 5.25 -11.51
C8 QY7 J . 33.75 6.68 -7.28
C9 QY7 J . 36.40 5.66 -10.60
C10 QY7 J . 33.13 8.98 -6.86
C11 QY7 J . 34.86 7.13 -7.97
C12 QY7 J . 33.78 5.25 -7.30
C13 QY7 J . 35.68 4.97 -13.21
C14 QY7 J . 34.89 4.88 -8.02
C15 QY7 J . 37.82 3.46 -7.53
C16 QY7 J . 31.45 10.78 -7.34
C17 QY7 J . 32.85 10.92 -5.24
C18 QY7 J . 35.94 2.92 -5.90
C19 QY7 J . 36.52 1.36 -7.71
C20 QY7 J . 31.14 5.02 -8.73
C21 QY7 J . 32.55 2.96 -8.99
C22 QY7 J . 30.44 2.88 -7.63
C23 QY7 J . 36.76 6.03 -9.19
C24 QY7 J . 35.42 3.50 -8.36
C25 QY7 J . 32.18 9.97 -6.26
C26 QY7 J . 36.42 2.86 -7.36
C27 QY7 J . 31.63 3.75 -8.05
N28 QY7 J . 35.55 6.02 -8.40
O29 QY7 J . 38.41 3.54 -8.60
O30 QY7 J . 38.37 3.93 -6.39
S31 QY7 J . 32.60 4.20 -6.58
CL1 QY7 J . 35.23 4.56 -14.81
S SO4 K . 20.31 20.57 -26.37
O1 SO4 K . 21.08 20.87 -25.16
O2 SO4 K . 19.17 19.72 -26.04
O3 SO4 K . 19.83 21.82 -26.97
O4 SO4 K . 21.17 19.86 -27.32
C7 QY7 L . 21.11 26.30 6.16
C6 QY7 L . 25.02 24.82 10.76
C1 QY7 L . 23.18 27.26 5.34
C5 QY7 L . 26.42 26.46 11.85
C4 QY7 L . 23.55 27.65 6.64
C3 QY7 L . 24.31 25.86 10.14
C2 QY7 L . 25.71 27.49 11.24
C8 QY7 L . 21.46 26.68 7.47
C9 QY7 L . 24.66 27.18 10.37
C10 QY7 L . 21.98 26.60 5.11
C11 QY7 L . 22.68 27.35 7.67
C12 QY7 L . 20.83 26.54 8.73
C13 QY7 L . 26.07 25.13 11.62
C14 QY7 L . 21.66 27.11 9.68
C15 QY7 L . 21.52 29.74 11.73
C16 QY7 L . 22.52 25.11 3.16
C17 QY7 L . 21.51 27.40 2.77
C18 QY7 L . 19.39 28.68 10.79
C19 QY7 L . 20.16 28.18 13.09
C20 QY7 L . 20.66 23.62 8.10
C21 QY7 L . 20.78 24.12 10.56
C22 QY7 L . 18.67 23.17 9.57
C23 QY7 L . 23.87 28.26 9.68
C24 QY7 L . 21.49 27.26 11.17
C25 QY7 L . 21.60 26.19 3.73
C26 QY7 L . 20.65 28.47 11.65
C27 QY7 L . 19.88 24.09 9.33
N28 QY7 L . 22.77 27.60 9.03
O29 QY7 L . 22.68 29.74 12.13
O30 QY7 L . 20.92 30.87 11.30
S31 QY7 L . 19.29 25.79 9.02
CL1 QY7 L . 26.94 23.85 12.38
S SO4 M . 17.93 34.06 4.92
O1 SO4 M . 17.94 35.15 5.90
O2 SO4 M . 17.01 33.03 5.37
O3 SO4 M . 17.50 34.57 3.62
O4 SO4 M . 19.29 33.51 4.79
C7 QY7 N . -32.05 -11.52 -3.02
C6 QY7 N . -33.09 -13.96 -8.44
C1 QY7 N . -33.51 -13.36 -2.43
C5 QY7 N . -35.25 -14.20 -9.51
C4 QY7 N . -34.29 -13.16 -3.57
C3 QY7 N . -33.69 -13.25 -7.41
C2 QY7 N . -35.85 -13.50 -8.47
C8 QY7 N . -32.82 -11.30 -4.18
C9 QY7 N . -35.07 -13.02 -7.42
C10 QY7 N . -32.40 -12.55 -2.16
C11 QY7 N . -33.92 -12.12 -4.43
C12 QY7 N . -32.73 -10.36 -5.24
C13 QY7 N . -33.86 -14.44 -9.50
C14 QY7 N . -33.78 -10.62 -6.11
C15 QY7 N . -36.64 -9.28 -7.16
C16 QY7 N . -30.48 -13.84 -1.17
C17 QY7 N . -32.42 -13.20 0.29
C18 QY7 N . -34.84 -7.74 -6.22
C19 QY7 N . -35.15 -8.01 -8.66
C20 QY7 N . -29.50 -10.84 -5.97
C21 QY7 N . -31.24 -10.46 -7.73
C22 QY7 N . -29.58 -8.67 -7.23
C23 QY7 N . -35.64 -12.25 -6.26
C24 QY7 N . -34.18 -9.94 -7.40
C25 QY7 N . -31.58 -12.79 -0.93
C26 QY7 N . -35.20 -8.77 -7.31
C27 QY7 N . -30.41 -9.80 -6.64
N28 QY7 N . -34.49 -11.66 -5.61
O29 QY7 N . -37.25 -9.88 -8.04
O30 QY7 N . -37.20 -9.04 -5.95
S31 QY7 N . -31.53 -9.10 -5.39
CL1 QY7 N . -33.11 -15.30 -10.77
S SO4 O . -18.02 -33.52 -5.01
O1 SO4 O . -16.83 -32.70 -5.26
O2 SO4 O . -18.68 -33.09 -3.79
O3 SO4 O . -18.95 -33.38 -6.13
O4 SO4 O . -17.60 -34.92 -4.88
C7 QY7 P . -15.48 -30.21 1.92
C6 QY7 P . -13.12 -33.66 6.51
C1 QY7 P . -17.43 -31.39 2.74
C5 QY7 P . -12.86 -36.07 6.39
C4 QY7 P . -16.68 -32.56 2.95
C3 QY7 P . -13.72 -33.67 5.26
C2 QY7 P . -13.47 -36.07 5.13
C8 QY7 P . -14.70 -31.36 2.13
C9 QY7 P . -13.90 -34.87 4.57
C10 QY7 P . -16.84 -30.23 2.24
C11 QY7 P . -15.32 -32.52 2.63
C12 QY7 P . -13.34 -31.68 1.92
C13 QY7 P . -12.69 -34.87 7.08
C14 QY7 P . -13.14 -32.99 2.30
C15 QY7 P . -12.51 -35.99 1.07
C16 QY7 P . -18.28 -28.47 3.32
C17 QY7 P . -18.73 -29.19 0.94
C18 QY7 P . -11.73 -33.97 -0.29
C19 QY7 P . -10.16 -35.22 1.13
C20 QY7 P . -12.42 -29.41 3.74
C21 QY7 P . -10.68 -31.20 3.53
C22 QY7 P . -10.31 -28.94 2.47
C23 QY7 P . -14.55 -34.82 3.21
C24 QY7 P . -11.89 -33.84 2.29
C25 QY7 P . -17.65 -29.00 2.02
C26 QY7 P . -11.63 -34.74 1.04
C27 QY7 P . -11.35 -30.01 2.83
N28 QY7 P . -14.35 -33.48 2.72
O29 QY7 P . -12.50 -36.81 1.98
O30 QY7 P . -13.32 -36.13 0.00
S31 QY7 P . -12.12 -30.59 1.30
CL1 QY7 P . -11.94 -34.86 8.63
S SO4 Q . -20.29 -20.23 26.21
O1 SO4 Q . -19.42 -19.08 25.92
O2 SO4 Q . -20.66 -20.21 27.62
O3 SO4 Q . -21.48 -20.17 25.39
O4 SO4 Q . -19.55 -21.47 25.92
#